data_2XXL
#
_entry.id   2XXL
#
_cell.length_a   78.260
_cell.length_b   92.040
_cell.length_c   113.340
_cell.angle_alpha   90.00
_cell.angle_beta   90.00
_cell.angle_gamma   90.00
#
_symmetry.space_group_name_H-M   'P 21 21 21'
#
loop_
_entity.id
_entity.type
_entity.pdbx_description
1 polymer 'GRAM-POSITIVE SPECIFIC SERINE PROTEASE, ISOFORM B'
2 branched beta-D-mannopyranose-(1-4)-2-acetamido-2-deoxy-beta-D-glucopyranose-(1-4)-[alpha-L-fucopyranose-(1-6)]2-acetamido-2-deoxy-beta-D-glucopyranose
3 non-polymer 2-acetamido-2-deoxy-beta-D-glucopyranose
4 non-polymer 'CALCIUM ION'
5 water water
#
_entity_poly.entity_id   1
_entity_poly.type   'polypeptide(L)'
_entity_poly.pdbx_seq_one_letter_code
;MMIASSLAVLYGIAIVSSMGVQSARADYADDCTTPDGDQGQCMPFSSCRTIEERLTEAQKAGQKVPADYASYLQKALCGE
FNGVRHFCCPSANIQHNSKVMSLFKDENFDCGNFLSQRVSNGYEVKLSSRPWMALLRYQQFGESRFLCGGAMISERYILT
AAHCVHGLQNDLYEIRLGEHRISTEEDCRQQGRKKKCAPPVVNVGIEKHLIHEKYDARHIMHDIALLKLNRSVPFQKHIK
PICLPITDELKEKAEQISTYFVTGWGTTENGSSSDVLLQANVPLQPRSACSQAYRRAVPLSQLCVGGGDLQDSCKGDSGG
PLQAPAQYLGEYAPKMVEFGIVSQGVVTCGQISLPGLYTNVGEYVQWITDTMASNGLLESRGPFEGKPIPNPLLGLDSTR
TGHHHHHH
;
_entity_poly.pdbx_strand_id   A,B
#
# COMPACT_ATOMS: atom_id res chain seq x y z
N ASP A 27 27.06 26.91 -25.39
CA ASP A 27 25.96 26.75 -24.43
C ASP A 27 25.21 25.45 -24.68
N TYR A 28 24.40 25.01 -23.69
CA TYR A 28 23.57 23.81 -23.84
C TYR A 28 22.76 23.93 -25.12
N ALA A 29 22.75 22.84 -25.92
CA ALA A 29 22.01 22.68 -27.17
C ALA A 29 22.43 23.57 -28.36
N ASP A 30 23.57 24.29 -28.23
CA ASP A 30 24.10 25.09 -29.35
C ASP A 30 24.47 24.18 -30.51
N ASP A 31 24.32 24.70 -31.75
CA ASP A 31 24.73 23.97 -32.94
C ASP A 31 26.24 23.76 -32.90
N CYS A 32 26.70 22.60 -33.38
CA CYS A 32 28.13 22.27 -33.37
C CYS A 32 28.47 21.28 -34.47
N THR A 33 29.76 21.04 -34.65
CA THR A 33 30.22 20.02 -35.62
C THR A 33 31.02 19.00 -34.84
N THR A 34 30.70 17.72 -35.02
CA THR A 34 31.42 16.64 -34.32
C THR A 34 32.87 16.56 -34.87
N PRO A 35 33.81 15.91 -34.14
CA PRO A 35 35.18 15.79 -34.68
C PRO A 35 35.26 15.09 -36.03
N ASP A 36 34.28 14.19 -36.31
CA ASP A 36 34.12 13.46 -37.59
C ASP A 36 33.17 14.13 -38.59
N GLY A 37 32.90 15.42 -38.38
CA GLY A 37 32.17 16.28 -39.31
C GLY A 37 30.67 16.22 -39.46
N ASP A 38 29.96 15.68 -38.46
CA ASP A 38 28.51 15.64 -38.52
C ASP A 38 27.96 16.87 -37.83
N GLN A 39 26.88 17.44 -38.36
CA GLN A 39 26.22 18.57 -37.72
C GLN A 39 25.41 18.04 -36.55
N GLY A 40 25.43 18.77 -35.45
CA GLY A 40 24.67 18.35 -34.28
C GLY A 40 24.47 19.46 -33.28
N GLN A 41 24.24 19.04 -32.01
CA GLN A 41 24.03 19.98 -30.93
C GLN A 41 24.79 19.56 -29.70
N CYS A 42 25.15 20.53 -28.88
CA CYS A 42 25.92 20.37 -27.66
C CYS A 42 24.99 19.78 -26.58
N MET A 43 25.11 18.47 -26.35
CA MET A 43 24.20 17.76 -25.44
C MET A 43 24.93 16.98 -24.31
N PRO A 44 24.24 16.68 -23.17
CA PRO A 44 24.87 15.79 -22.18
C PRO A 44 25.02 14.39 -22.81
N PHE A 45 25.94 13.56 -22.30
CA PHE A 45 26.12 12.22 -22.92
C PHE A 45 24.85 11.40 -22.88
N SER A 46 24.04 11.55 -21.81
CA SER A 46 22.77 10.79 -21.61
C SER A 46 21.71 11.15 -22.65
N SER A 47 21.94 12.23 -23.43
CA SER A 47 21.03 12.67 -24.49
C SER A 47 21.66 12.42 -25.86
N CYS A 48 22.67 11.53 -25.91
CA CYS A 48 23.26 11.19 -27.19
C CYS A 48 23.32 9.69 -27.29
N ARG A 49 22.43 9.11 -28.11
CA ARG A 49 22.35 7.66 -28.22
C ARG A 49 23.71 6.99 -28.47
N THR A 50 24.49 7.50 -29.45
CA THR A 50 25.79 6.92 -29.82
C THR A 50 26.86 6.96 -28.73
N ILE A 51 26.99 8.11 -28.04
CA ILE A 51 27.96 8.24 -26.93
C ILE A 51 27.56 7.34 -25.78
N GLU A 52 26.27 7.42 -25.38
CA GLU A 52 25.78 6.56 -24.30
C GLU A 52 25.99 5.06 -24.60
N GLU A 53 25.72 4.61 -25.85
CA GLU A 53 25.94 3.19 -26.23
C GLU A 53 27.41 2.82 -26.01
N ARG A 54 28.35 3.64 -26.51
CA ARG A 54 29.79 3.32 -26.36
C ARG A 54 30.22 3.26 -24.89
N LEU A 55 29.76 4.21 -24.08
CA LEU A 55 30.07 4.23 -22.65
C LEU A 55 29.46 3.04 -21.91
N THR A 56 28.21 2.69 -22.24
CA THR A 56 27.51 1.55 -21.63
C THR A 56 28.13 0.23 -22.02
N GLU A 57 28.47 0.08 -23.30
CA GLU A 57 29.09 -1.15 -23.79
C GLU A 57 30.41 -1.45 -23.10
N ALA A 58 31.25 -0.41 -22.92
CA ALA A 58 32.54 -0.59 -22.23
C ALA A 58 32.26 -0.95 -20.75
N GLN A 59 31.38 -0.20 -20.06
CA GLN A 59 31.02 -0.52 -18.68
C GLN A 59 30.53 -1.97 -18.53
N LYS A 60 29.62 -2.43 -19.42
CA LYS A 60 29.05 -3.78 -19.37
C LYS A 60 30.13 -4.86 -19.51
N ALA A 61 31.20 -4.57 -20.28
CA ALA A 61 32.31 -5.51 -20.50
C ALA A 61 33.34 -5.42 -19.36
N GLY A 62 33.09 -4.56 -18.37
CA GLY A 62 33.98 -4.31 -17.25
C GLY A 62 35.28 -3.65 -17.66
N GLN A 63 35.20 -2.73 -18.64
CA GLN A 63 36.37 -2.02 -19.20
C GLN A 63 36.05 -0.53 -19.37
N LYS A 64 37.10 0.27 -19.65
CA LYS A 64 37.00 1.68 -20.03
C LYS A 64 36.85 1.67 -21.55
N VAL A 65 36.40 2.79 -22.15
CA VAL A 65 36.33 2.94 -23.60
C VAL A 65 37.76 2.93 -24.15
N PRO A 66 38.01 2.56 -25.43
CA PRO A 66 39.39 2.62 -25.93
C PRO A 66 39.95 4.03 -25.93
N ALA A 67 41.28 4.12 -25.91
CA ALA A 67 42.01 5.38 -25.90
C ALA A 67 41.60 6.30 -27.05
N ASP A 68 41.45 5.76 -28.27
CA ASP A 68 41.07 6.56 -29.42
C ASP A 68 39.66 7.15 -29.27
N TYR A 69 38.74 6.41 -28.63
CA TYR A 69 37.39 6.92 -28.37
C TYR A 69 37.40 7.98 -27.27
N ALA A 70 38.23 7.78 -26.21
CA ALA A 70 38.40 8.76 -25.14
C ALA A 70 38.93 10.06 -25.76
N SER A 71 39.85 9.95 -26.74
CA SER A 71 40.40 11.09 -27.47
C SER A 71 39.31 11.80 -28.31
N TYR A 72 38.42 11.02 -28.97
CA TYR A 72 37.30 11.54 -29.74
C TYR A 72 36.36 12.33 -28.83
N LEU A 73 36.04 11.81 -27.63
CA LEU A 73 35.15 12.49 -26.69
C LEU A 73 35.75 13.82 -26.21
N GLN A 74 37.09 13.86 -26.00
CA GLN A 74 37.78 15.08 -25.62
C GLN A 74 37.62 16.12 -26.73
N LYS A 75 37.72 15.69 -28.00
CA LYS A 75 37.56 16.59 -29.14
C LYS A 75 36.09 17.04 -29.28
N ALA A 76 35.14 16.15 -28.95
CA ALA A 76 33.70 16.39 -29.05
C ALA A 76 33.16 17.27 -27.92
N LEU A 77 33.91 17.38 -26.81
CA LEU A 77 33.55 18.15 -25.62
C LEU A 77 33.24 19.60 -26.02
N CYS A 78 32.05 20.10 -25.65
CA CYS A 78 31.67 21.45 -26.02
C CYS A 78 31.37 22.36 -24.82
N GLY A 79 31.76 21.90 -23.63
CA GLY A 79 31.61 22.66 -22.40
C GLY A 79 30.99 21.90 -21.25
N GLU A 80 30.91 22.57 -20.10
CA GLU A 80 30.32 22.04 -18.87
C GLU A 80 29.26 23.04 -18.43
N PHE A 81 27.99 22.62 -18.46
CA PHE A 81 26.85 23.48 -18.11
C PHE A 81 26.08 22.87 -16.97
N ASN A 82 25.88 23.65 -15.88
CA ASN A 82 25.22 23.22 -14.65
C ASN A 82 25.85 21.91 -14.12
N GLY A 83 27.19 21.86 -14.16
CA GLY A 83 28.01 20.75 -13.70
C GLY A 83 27.99 19.50 -14.55
N VAL A 84 27.41 19.57 -15.77
CA VAL A 84 27.31 18.38 -16.64
C VAL A 84 28.17 18.60 -17.90
N ARG A 85 29.04 17.64 -18.24
CA ARG A 85 29.85 17.71 -19.45
C ARG A 85 28.93 17.51 -20.65
N HIS A 86 29.12 18.34 -21.68
CA HIS A 86 28.33 18.28 -22.88
C HIS A 86 29.24 17.96 -24.06
N PHE A 87 28.73 17.19 -25.01
CA PHE A 87 29.47 16.75 -26.19
C PHE A 87 28.69 17.04 -27.43
N CYS A 88 29.39 17.28 -28.56
CA CYS A 88 28.65 17.48 -29.80
C CYS A 88 28.06 16.15 -30.24
N CYS A 89 26.74 16.09 -30.37
CA CYS A 89 26.01 14.90 -30.75
C CYS A 89 25.40 15.09 -32.12
N PRO A 90 25.58 14.14 -33.07
CA PRO A 90 24.92 14.26 -34.38
C PRO A 90 23.41 14.41 -34.21
N SER A 91 22.80 15.36 -34.95
CA SER A 91 21.36 15.66 -34.84
C SER A 91 20.41 14.44 -34.72
N ALA A 92 20.58 13.43 -35.60
CA ALA A 92 19.74 12.23 -35.62
C ALA A 92 19.96 11.29 -34.41
N ASN A 93 21.04 11.51 -33.64
CA ASN A 93 21.40 10.68 -32.48
C ASN A 93 20.97 11.29 -31.15
N ILE A 94 20.46 12.53 -31.17
CA ILE A 94 19.98 13.20 -29.96
C ILE A 94 18.75 12.44 -29.43
N GLN A 95 18.74 12.18 -28.13
CA GLN A 95 17.63 11.46 -27.52
C GLN A 95 17.23 12.18 -26.24
N HIS A 96 15.98 11.98 -25.75
CA HIS A 96 15.60 12.57 -24.46
C HIS A 96 16.53 12.00 -23.38
N ASN A 97 16.89 12.82 -22.37
CA ASN A 97 17.86 12.42 -21.35
C ASN A 97 17.52 11.09 -20.70
N SER A 98 18.37 10.03 -20.90
CA SER A 98 18.06 8.71 -20.38
C SER A 98 17.89 8.67 -18.84
N LYS A 99 18.52 9.62 -18.12
CA LYS A 99 18.45 9.72 -16.64
C LYS A 99 17.03 10.10 -16.17
N VAL A 100 16.27 10.76 -17.03
CA VAL A 100 14.88 11.17 -16.75
C VAL A 100 13.90 10.24 -17.46
N MET A 101 14.25 9.77 -18.67
CA MET A 101 13.38 8.83 -19.39
C MET A 101 13.21 7.53 -18.61
N SER A 102 14.23 7.16 -17.81
CA SER A 102 14.13 5.94 -16.99
C SER A 102 12.98 6.07 -15.96
N LEU A 103 12.71 7.32 -15.49
CA LEU A 103 11.57 7.57 -14.62
C LEU A 103 10.25 7.54 -15.42
N PHE A 104 10.16 8.37 -16.48
CA PHE A 104 8.95 8.49 -17.30
C PHE A 104 8.49 7.17 -17.92
N LYS A 105 9.44 6.26 -18.23
CA LYS A 105 9.14 4.96 -18.83
C LYS A 105 9.01 3.84 -17.78
N ASP A 106 9.22 4.14 -16.50
CA ASP A 106 9.11 3.13 -15.46
C ASP A 106 7.67 2.61 -15.42
N GLU A 107 7.48 1.28 -15.40
CA GLU A 107 6.12 0.70 -15.40
C GLU A 107 5.31 1.15 -14.16
N ASN A 108 5.99 1.57 -13.09
CA ASN A 108 5.36 2.02 -11.85
C ASN A 108 5.19 3.54 -11.75
N PHE A 109 5.62 4.29 -12.80
CA PHE A 109 5.45 5.75 -12.83
C PHE A 109 4.00 6.04 -13.22
N ASP A 110 3.18 6.33 -12.23
CA ASP A 110 1.74 6.50 -12.42
C ASP A 110 1.34 7.93 -12.90
N CYS A 111 1.67 8.28 -14.16
CA CYS A 111 1.31 9.60 -14.70
C CYS A 111 -0.01 9.58 -15.48
N GLY A 112 -0.70 10.72 -15.48
CA GLY A 112 -1.92 10.98 -16.24
C GLY A 112 -3.07 10.02 -16.04
N ASN A 113 -3.13 9.39 -14.87
CA ASN A 113 -4.20 8.45 -14.56
C ASN A 113 -5.54 9.18 -14.38
N PHE A 114 -6.59 8.78 -15.12
CA PHE A 114 -7.94 9.34 -14.95
C PHE A 114 -9.02 8.40 -15.52
N LEU A 115 -10.23 8.48 -14.96
CA LEU A 115 -11.37 7.70 -15.44
C LEU A 115 -12.28 8.57 -16.30
N SER A 116 -12.86 9.68 -15.80
CA SER A 116 -12.88 10.16 -14.42
C SER A 116 -14.31 10.45 -13.93
N GLN A 117 -15.09 11.21 -14.72
CA GLN A 117 -16.46 11.59 -14.35
C GLN A 117 -17.50 11.43 -15.43
N ARG A 118 -18.78 11.43 -15.01
CA ARG A 118 -19.93 11.38 -15.90
C ARG A 118 -20.17 12.79 -16.43
N VAL A 119 -20.49 12.90 -17.71
CA VAL A 119 -20.66 14.15 -18.45
C VAL A 119 -21.84 15.04 -18.02
N SER A 120 -21.49 16.24 -17.51
CA SER A 120 -22.42 17.32 -17.15
C SER A 120 -22.19 18.42 -18.20
N ASN A 121 -23.21 19.24 -18.49
CA ASN A 121 -23.05 20.26 -19.53
C ASN A 121 -22.06 21.37 -19.20
N GLY A 122 -22.03 21.77 -17.93
CA GLY A 122 -21.20 22.84 -17.41
C GLY A 122 -19.72 22.53 -17.31
N TYR A 123 -19.06 23.23 -16.40
CA TYR A 123 -17.62 23.16 -16.25
C TYR A 123 -17.13 22.44 -15.01
N GLU A 124 -18.00 21.72 -14.31
CA GLU A 124 -17.62 21.02 -13.07
C GLU A 124 -16.60 19.96 -13.27
N VAL A 125 -15.71 19.83 -12.30
CA VAL A 125 -14.64 18.83 -12.30
C VAL A 125 -14.86 17.95 -11.05
N LYS A 126 -14.80 16.62 -11.20
CA LYS A 126 -14.94 15.69 -10.09
C LYS A 126 -13.75 15.88 -9.16
N LEU A 127 -14.03 15.94 -7.85
CA LEU A 127 -13.01 16.08 -6.79
C LEU A 127 -11.82 15.13 -7.04
N SER A 128 -10.59 15.70 -7.07
CA SER A 128 -9.33 14.95 -7.25
C SER A 128 -9.12 14.34 -8.62
N SER A 129 -9.97 14.64 -9.62
CA SER A 129 -9.85 14.03 -10.94
C SER A 129 -8.74 14.59 -11.86
N ARG A 130 -8.08 15.70 -11.47
CA ARG A 130 -6.96 16.30 -12.23
C ARG A 130 -5.84 16.50 -11.21
N PRO A 131 -5.29 15.39 -10.67
CA PRO A 131 -4.42 15.51 -9.50
C PRO A 131 -3.05 16.15 -9.69
N TRP A 132 -2.72 16.51 -10.93
CA TRP A 132 -1.45 17.18 -11.28
C TRP A 132 -1.57 18.69 -11.17
N MET A 133 -2.78 19.23 -11.06
CA MET A 133 -2.98 20.70 -11.08
C MET A 133 -2.26 21.37 -9.94
N ALA A 134 -1.49 22.43 -10.24
CA ALA A 134 -0.70 23.12 -9.23
C ALA A 134 -1.08 24.60 -9.18
N LEU A 135 -1.03 25.20 -7.98
CA LEU A 135 -1.27 26.65 -7.80
C LEU A 135 0.03 27.28 -7.31
N LEU A 136 0.47 28.34 -7.98
CA LEU A 136 1.73 29.04 -7.68
C LEU A 136 1.44 30.26 -6.81
N ARG A 137 2.07 30.32 -5.64
CA ARG A 137 1.81 31.37 -4.62
C ARG A 137 2.93 32.42 -4.58
N TYR A 138 2.53 33.70 -4.54
CA TYR A 138 3.47 34.82 -4.61
C TYR A 138 3.24 35.72 -3.41
N GLN A 139 4.34 36.13 -2.77
CA GLN A 139 4.31 37.03 -1.60
C GLN A 139 4.67 38.40 -2.15
N GLN A 140 3.69 39.31 -2.18
CA GLN A 140 3.93 40.63 -2.75
C GLN A 140 3.66 41.81 -1.80
N PHE A 141 2.55 42.55 -1.97
CA PHE A 141 2.22 43.73 -1.17
C PHE A 141 1.82 43.37 0.28
N GLY A 142 2.80 42.80 1.00
CA GLY A 142 2.65 42.33 2.38
C GLY A 142 1.79 41.09 2.55
N GLU A 143 1.04 40.69 1.50
CA GLU A 143 0.14 39.54 1.50
C GLU A 143 0.59 38.47 0.47
N SER A 144 -0.16 37.39 0.33
CA SER A 144 0.20 36.35 -0.63
C SER A 144 -1.02 35.88 -1.39
N ARG A 145 -0.83 35.59 -2.70
CA ARG A 145 -1.94 35.21 -3.57
C ARG A 145 -1.44 34.20 -4.59
N PHE A 146 -2.37 33.40 -5.09
CA PHE A 146 -2.05 32.49 -6.20
C PHE A 146 -2.20 33.31 -7.46
N LEU A 147 -1.12 33.44 -8.25
CA LEU A 147 -1.16 34.23 -9.48
C LEU A 147 -0.83 33.41 -10.76
N CYS A 148 -0.60 32.09 -10.62
CA CYS A 148 -0.31 31.26 -11.81
C CYS A 148 -0.68 29.83 -11.47
N GLY A 149 -0.72 29.01 -12.50
CA GLY A 149 -0.94 27.59 -12.33
C GLY A 149 0.25 26.84 -12.88
N GLY A 150 0.10 25.55 -13.01
CA GLY A 150 1.13 24.67 -13.56
C GLY A 150 0.72 23.25 -13.34
N ALA A 151 1.58 22.30 -13.65
CA ALA A 151 1.21 20.89 -13.41
C ALA A 151 2.40 20.07 -12.93
N MET A 152 2.14 19.20 -11.99
CA MET A 152 3.17 18.29 -11.48
C MET A 152 3.58 17.29 -12.58
N ILE A 153 4.89 17.12 -12.79
CA ILE A 153 5.43 16.18 -13.79
C ILE A 153 6.27 15.08 -13.14
N SER A 154 6.61 15.27 -11.85
CA SER A 154 7.35 14.26 -11.08
C SER A 154 7.23 14.64 -9.61
N GLU A 155 7.74 13.82 -8.71
CA GLU A 155 7.63 14.07 -7.27
C GLU A 155 8.34 15.35 -6.85
N ARG A 156 9.23 15.88 -7.71
CA ARG A 156 9.97 17.09 -7.39
C ARG A 156 9.87 18.22 -8.44
N TYR A 157 9.08 18.06 -9.51
CA TYR A 157 9.03 19.10 -10.54
C TYR A 157 7.63 19.51 -10.94
N ILE A 158 7.47 20.82 -11.11
CA ILE A 158 6.24 21.46 -11.61
C ILE A 158 6.60 22.13 -12.95
N LEU A 159 5.75 21.92 -13.97
CA LEU A 159 5.91 22.53 -15.27
C LEU A 159 4.95 23.73 -15.35
N THR A 160 5.46 24.89 -15.74
CA THR A 160 4.71 26.13 -15.84
C THR A 160 5.24 27.00 -16.98
N ALA A 161 4.72 28.23 -17.08
CA ALA A 161 5.24 29.16 -18.09
C ALA A 161 6.39 29.97 -17.47
N ALA A 162 7.36 30.38 -18.30
CA ALA A 162 8.44 31.25 -17.85
C ALA A 162 7.90 32.61 -17.38
N HIS A 163 6.76 33.07 -17.95
CA HIS A 163 6.20 34.37 -17.54
C HIS A 163 5.68 34.35 -16.10
N CYS A 164 5.49 33.15 -15.53
CA CYS A 164 5.10 32.98 -14.13
C CYS A 164 6.29 33.04 -13.18
N VAL A 165 7.51 32.89 -13.73
CA VAL A 165 8.74 32.69 -12.95
C VAL A 165 9.79 33.79 -13.14
N HIS A 166 9.98 34.24 -14.40
CA HIS A 166 10.95 35.28 -14.78
C HIS A 166 10.77 36.57 -14.04
N GLY A 167 11.85 36.97 -13.38
CA GLY A 167 11.93 38.18 -12.56
C GLY A 167 11.07 38.14 -11.32
N LEU A 168 10.57 36.94 -10.95
CA LEU A 168 9.65 36.80 -9.81
C LEU A 168 10.14 35.82 -8.74
N GLN A 169 11.42 35.40 -8.85
CA GLN A 169 12.04 34.40 -7.99
C GLN A 169 11.93 34.70 -6.48
N ASN A 170 12.01 35.98 -6.09
CA ASN A 170 11.87 36.41 -4.71
C ASN A 170 10.40 36.47 -4.24
N ASP A 171 9.45 36.62 -5.18
CA ASP A 171 8.01 36.65 -4.90
C ASP A 171 7.42 35.26 -4.92
N LEU A 172 7.77 34.44 -5.93
CA LEU A 172 7.23 33.07 -6.08
C LEU A 172 7.88 32.20 -5.03
N TYR A 173 7.10 31.78 -4.01
CA TYR A 173 7.68 31.05 -2.87
C TYR A 173 7.05 29.70 -2.49
N GLU A 174 5.82 29.42 -2.93
CA GLU A 174 5.17 28.15 -2.57
C GLU A 174 4.36 27.62 -3.73
N ILE A 175 4.15 26.31 -3.72
CA ILE A 175 3.26 25.59 -4.65
C ILE A 175 2.21 24.86 -3.80
N ARG A 176 0.94 24.85 -4.23
CA ARG A 176 -0.09 24.08 -3.57
C ARG A 176 -0.55 22.96 -4.50
N LEU A 177 -0.50 21.73 -4.00
CA LEU A 177 -0.89 20.53 -4.73
C LEU A 177 -2.05 19.86 -4.03
N GLY A 178 -2.91 19.18 -4.80
CA GLY A 178 -4.06 18.48 -4.27
C GLY A 178 -5.29 19.34 -4.01
N GLU A 179 -5.33 20.54 -4.58
CA GLU A 179 -6.42 21.48 -4.35
C GLU A 179 -7.69 21.16 -5.15
N HIS A 180 -8.83 21.60 -4.63
CA HIS A 180 -10.11 21.51 -5.35
C HIS A 180 -10.83 22.84 -5.16
N ARG A 181 -11.24 23.15 -3.91
CA ARG A 181 -11.90 24.42 -3.57
C ARG A 181 -10.94 25.18 -2.64
N ILE A 182 -10.48 26.33 -3.10
CA ILE A 182 -9.44 27.10 -2.40
C ILE A 182 -9.87 27.51 -1.00
N SER A 183 -11.09 28.01 -0.86
CA SER A 183 -11.62 28.58 0.40
C SER A 183 -11.78 27.61 1.57
N THR A 184 -11.92 26.29 1.29
CA THR A 184 -12.16 25.29 2.34
C THR A 184 -10.94 24.40 2.56
N GLU A 185 -10.59 24.18 3.83
CA GLU A 185 -9.47 23.30 4.17
C GLU A 185 -9.83 21.84 3.91
N GLU A 186 -11.14 21.52 3.98
CA GLU A 186 -11.66 20.18 3.70
C GLU A 186 -12.50 20.21 2.44
N ASP A 187 -12.15 19.37 1.46
CA ASP A 187 -12.86 19.29 0.18
C ASP A 187 -13.48 17.91 0.09
N CYS A 188 -14.81 17.86 0.17
CA CYS A 188 -15.55 16.61 0.26
C CYS A 188 -16.61 16.44 -0.81
N ARG A 189 -17.09 15.21 -0.94
CA ARG A 189 -18.18 14.84 -1.83
C ARG A 189 -19.02 13.83 -1.07
N GLN A 190 -20.27 13.68 -1.48
CA GLN A 190 -21.20 12.74 -0.84
C GLN A 190 -20.78 11.28 -1.17
N GLN A 191 -20.76 10.43 -0.15
CA GLN A 191 -20.49 8.98 -0.25
C GLN A 191 -21.62 8.31 0.57
N GLY A 192 -22.65 7.88 -0.13
CA GLY A 192 -23.84 7.27 0.48
C GLY A 192 -24.61 8.32 1.25
N ARG A 193 -24.78 8.09 2.55
CA ARG A 193 -25.45 9.00 3.49
C ARG A 193 -24.41 9.75 4.33
N LYS A 194 -23.14 9.67 3.91
CA LYS A 194 -22.01 10.32 4.57
C LYS A 194 -21.18 11.07 3.52
N LYS A 195 -20.01 11.53 3.91
CA LYS A 195 -19.15 12.22 2.96
C LYS A 195 -17.71 11.73 3.01
N LYS A 196 -17.05 11.73 1.84
CA LYS A 196 -15.65 11.36 1.70
C LYS A 196 -14.89 12.58 1.23
N CYS A 197 -13.87 12.94 2.01
CA CYS A 197 -13.02 14.08 1.74
C CYS A 197 -11.70 13.65 1.14
N ALA A 198 -11.14 14.53 0.31
CA ALA A 198 -9.81 14.28 -0.24
C ALA A 198 -8.84 14.48 0.94
N PRO A 199 -7.61 13.95 0.88
CA PRO A 199 -6.65 14.26 1.93
C PRO A 199 -6.29 15.75 1.91
N PRO A 200 -5.67 16.29 2.97
CA PRO A 200 -5.29 17.70 2.95
C PRO A 200 -4.38 18.05 1.77
N VAL A 201 -4.42 19.31 1.39
CA VAL A 201 -3.55 19.81 0.33
C VAL A 201 -2.09 19.77 0.86
N VAL A 202 -1.14 19.85 -0.09
CA VAL A 202 0.30 19.94 0.23
C VAL A 202 0.75 21.35 -0.20
N ASN A 203 1.41 22.08 0.72
CA ASN A 203 1.98 23.41 0.45
C ASN A 203 3.48 23.18 0.58
N VAL A 204 4.20 23.36 -0.51
CA VAL A 204 5.64 23.04 -0.62
C VAL A 204 6.45 24.21 -1.19
N GLY A 205 7.72 24.30 -0.77
CA GLY A 205 8.61 25.37 -1.22
C GLY A 205 9.31 25.04 -2.53
N ILE A 206 10.08 25.99 -3.02
CA ILE A 206 10.76 25.87 -4.32
C ILE A 206 12.24 25.99 -4.14
N GLU A 207 12.99 24.96 -4.51
CA GLU A 207 14.42 24.97 -4.41
C GLU A 207 15.06 25.67 -5.61
N LYS A 208 14.52 25.44 -6.82
CA LYS A 208 15.08 26.06 -8.04
C LYS A 208 14.00 26.58 -8.95
N HIS A 209 14.27 27.76 -9.52
CA HIS A 209 13.40 28.42 -10.48
C HIS A 209 14.14 28.24 -11.81
N LEU A 210 13.67 27.33 -12.67
CA LEU A 210 14.41 26.98 -13.88
C LEU A 210 13.74 27.47 -15.16
N ILE A 211 14.13 28.67 -15.57
CA ILE A 211 13.55 29.30 -16.76
C ILE A 211 14.31 28.86 -18.02
N HIS A 212 13.57 28.59 -19.13
CA HIS A 212 14.20 28.27 -20.41
C HIS A 212 15.24 29.37 -20.76
N GLU A 213 16.47 28.98 -21.14
CA GLU A 213 17.58 29.90 -21.44
C GLU A 213 17.26 30.89 -22.54
N LYS A 214 16.35 30.51 -23.45
CA LYS A 214 15.96 31.38 -24.61
C LYS A 214 14.66 32.14 -24.41
N TYR A 215 14.10 32.10 -23.19
CA TYR A 215 12.87 32.83 -22.89
C TYR A 215 13.08 34.31 -23.23
N ASP A 216 12.12 34.88 -23.94
CA ASP A 216 12.18 36.27 -24.37
C ASP A 216 11.08 37.00 -23.62
N ALA A 217 11.45 37.78 -22.60
CA ALA A 217 10.49 38.50 -21.72
C ALA A 217 9.76 39.68 -22.37
N ARG A 218 10.36 40.23 -23.43
CA ARG A 218 9.82 41.33 -24.22
C ARG A 218 8.79 40.83 -25.25
N HIS A 219 9.15 39.87 -26.08
CA HIS A 219 8.23 39.31 -27.09
C HIS A 219 7.36 38.09 -26.65
N ILE A 220 7.72 37.39 -25.58
CA ILE A 220 7.04 36.20 -25.05
C ILE A 220 7.21 35.05 -26.02
N MET A 221 8.40 34.45 -25.98
CA MET A 221 8.78 33.32 -26.83
C MET A 221 9.50 32.32 -25.93
N HIS A 222 9.40 31.00 -26.23
CA HIS A 222 10.02 29.95 -25.39
C HIS A 222 9.52 30.11 -23.93
N ASP A 223 8.20 30.27 -23.81
CA ASP A 223 7.56 30.55 -22.54
C ASP A 223 7.33 29.27 -21.74
N ILE A 224 8.39 28.80 -21.08
CA ILE A 224 8.37 27.56 -20.32
C ILE A 224 9.36 27.63 -19.19
N ALA A 225 8.99 27.01 -18.06
CA ALA A 225 9.89 26.97 -16.92
C ALA A 225 9.54 25.77 -16.08
N LEU A 226 10.53 25.27 -15.37
CA LEU A 226 10.37 24.21 -14.37
C LEU A 226 10.60 24.80 -12.98
N LEU A 227 9.81 24.34 -12.01
CA LEU A 227 10.02 24.69 -10.61
C LEU A 227 10.38 23.40 -9.91
N LYS A 228 11.57 23.36 -9.31
CA LYS A 228 11.99 22.20 -8.57
C LYS A 228 11.57 22.43 -7.13
N LEU A 229 10.79 21.50 -6.60
CA LEU A 229 10.26 21.53 -5.25
C LEU A 229 11.41 21.31 -4.27
N ASN A 230 11.27 21.84 -3.05
CA ASN A 230 12.34 21.74 -2.07
C ASN A 230 12.36 20.46 -1.25
N ARG A 231 11.51 19.49 -1.62
CA ARG A 231 11.47 18.14 -1.06
C ARG A 231 10.64 17.30 -2.04
N SER A 232 10.65 15.99 -1.88
CA SER A 232 9.78 15.16 -2.72
C SER A 232 8.37 15.24 -2.18
N VAL A 233 7.40 15.33 -3.09
CA VAL A 233 5.99 15.28 -2.72
C VAL A 233 5.55 13.90 -3.25
N PRO A 234 5.43 12.89 -2.37
CA PRO A 234 5.05 11.56 -2.85
C PRO A 234 3.64 11.51 -3.41
N PHE A 235 3.44 10.67 -4.44
CA PHE A 235 2.13 10.54 -5.06
C PHE A 235 1.10 10.00 -4.10
N GLN A 236 -0.09 10.61 -4.13
CA GLN A 236 -1.19 10.31 -3.21
C GLN A 236 -2.44 10.20 -4.03
N LYS A 237 -3.58 9.82 -3.43
CA LYS A 237 -4.78 9.69 -4.25
C LYS A 237 -5.18 10.99 -4.98
N HIS A 238 -4.82 12.16 -4.42
CA HIS A 238 -5.20 13.46 -5.02
C HIS A 238 -4.01 14.26 -5.56
N ILE A 239 -2.80 13.67 -5.57
CA ILE A 239 -1.59 14.36 -6.06
C ILE A 239 -0.82 13.38 -6.90
N LYS A 240 -0.78 13.59 -8.23
CA LYS A 240 -0.09 12.67 -9.12
C LYS A 240 0.41 13.46 -10.30
N PRO A 241 1.46 13.01 -11.00
CA PRO A 241 1.91 13.77 -12.15
C PRO A 241 1.07 13.52 -13.41
N ILE A 242 1.12 14.51 -14.30
CA ILE A 242 0.57 14.41 -15.64
C ILE A 242 1.70 13.80 -16.52
N CYS A 243 1.35 13.13 -17.65
CA CYS A 243 2.36 12.56 -18.55
C CYS A 243 2.81 13.66 -19.49
N LEU A 244 3.97 13.46 -20.11
CA LEU A 244 4.49 14.41 -21.08
C LEU A 244 4.56 13.76 -22.47
N PRO A 245 4.57 14.55 -23.59
CA PRO A 245 4.60 13.93 -24.92
C PRO A 245 6.01 13.45 -25.25
N ILE A 246 6.42 12.37 -24.61
CA ILE A 246 7.81 11.88 -24.66
C ILE A 246 8.19 11.07 -25.89
N THR A 247 7.21 10.75 -26.75
CA THR A 247 7.48 9.98 -27.96
C THR A 247 7.20 10.81 -29.18
N ASP A 248 7.68 10.37 -30.35
CA ASP A 248 7.40 11.05 -31.61
C ASP A 248 5.90 11.06 -31.88
N GLU A 249 5.20 9.94 -31.58
CA GLU A 249 3.75 9.76 -31.80
C GLU A 249 2.98 10.80 -30.99
N LEU A 250 3.39 11.01 -29.72
CA LEU A 250 2.71 12.01 -28.88
C LEU A 250 2.99 13.43 -29.33
N LYS A 251 4.25 13.75 -29.75
CA LYS A 251 4.55 15.10 -30.23
C LYS A 251 3.73 15.43 -31.48
N GLU A 252 3.60 14.45 -32.37
CA GLU A 252 2.81 14.58 -33.61
C GLU A 252 1.31 14.69 -33.27
N LYS A 253 0.86 14.04 -32.18
CA LYS A 253 -0.53 14.07 -31.77
C LYS A 253 -1.05 15.47 -31.41
N ALA A 254 -0.16 16.36 -30.89
CA ALA A 254 -0.52 17.72 -30.45
C ALA A 254 -1.36 18.45 -31.50
N GLU A 255 -0.93 18.37 -32.76
CA GLU A 255 -1.65 19.07 -33.83
C GLU A 255 -2.79 18.32 -34.47
N GLN A 256 -2.96 17.06 -34.11
CA GLN A 256 -4.02 16.19 -34.61
C GLN A 256 -5.24 16.17 -33.67
N ILE A 257 -5.08 16.68 -32.43
CA ILE A 257 -6.17 16.71 -31.43
C ILE A 257 -7.11 17.88 -31.75
N SER A 258 -8.41 17.63 -31.86
CA SER A 258 -9.33 18.74 -32.19
C SER A 258 -9.76 19.56 -30.97
N THR A 259 -9.95 18.89 -29.84
CA THR A 259 -10.47 19.49 -28.61
C THR A 259 -9.58 19.13 -27.43
N TYR A 260 -9.23 20.14 -26.62
CA TYR A 260 -8.43 19.95 -25.42
C TYR A 260 -9.22 20.32 -24.18
N PHE A 261 -8.75 19.83 -23.01
CA PHE A 261 -9.28 20.27 -21.72
C PHE A 261 -8.46 21.48 -21.30
N VAL A 262 -9.15 22.56 -20.97
CA VAL A 262 -8.60 23.79 -20.41
C VAL A 262 -9.18 23.78 -19.00
N THR A 263 -8.31 23.54 -18.04
CA THR A 263 -8.65 23.27 -16.64
C THR A 263 -7.89 24.20 -15.71
N GLY A 264 -8.51 24.60 -14.63
CA GLY A 264 -7.87 25.46 -13.65
C GLY A 264 -8.84 26.28 -12.83
N TRP A 265 -8.34 27.32 -12.19
CA TRP A 265 -9.13 28.20 -11.35
C TRP A 265 -9.18 29.61 -11.95
N GLY A 266 -8.76 29.74 -13.21
CA GLY A 266 -8.78 31.03 -13.91
C GLY A 266 -7.83 32.02 -13.26
N THR A 267 -6.67 31.52 -12.86
CA THR A 267 -5.67 32.33 -12.16
C THR A 267 -4.91 33.27 -13.11
N THR A 268 -4.93 34.58 -12.81
CA THR A 268 -4.24 35.61 -13.61
C THR A 268 -3.44 36.47 -12.64
N GLU A 269 -2.90 37.60 -13.12
CA GLU A 269 -2.21 38.60 -12.29
C GLU A 269 -3.16 39.13 -11.22
N ASN A 270 -4.49 38.93 -11.40
CA ASN A 270 -5.51 39.37 -10.45
C ASN A 270 -5.97 38.24 -9.52
N GLY A 271 -5.23 37.13 -9.54
CA GLY A 271 -5.59 35.99 -8.69
C GLY A 271 -6.55 35.04 -9.38
N SER A 272 -7.08 34.07 -8.62
CA SER A 272 -8.00 33.09 -9.19
C SER A 272 -9.38 33.70 -9.39
N SER A 273 -10.03 33.42 -10.52
CA SER A 273 -11.38 33.92 -10.79
C SER A 273 -12.44 32.95 -10.25
N SER A 274 -12.04 31.68 -10.00
CA SER A 274 -12.93 30.66 -9.47
C SER A 274 -12.33 30.11 -8.19
N ASP A 275 -13.18 29.93 -7.17
CA ASP A 275 -12.77 29.29 -5.91
C ASP A 275 -12.60 27.79 -6.09
N VAL A 276 -13.27 27.21 -7.12
CA VAL A 276 -13.30 25.77 -7.39
C VAL A 276 -12.71 25.42 -8.76
N LEU A 277 -12.06 24.25 -8.84
CA LEU A 277 -11.43 23.75 -10.07
C LEU A 277 -12.53 23.55 -11.13
N LEU A 278 -12.32 24.09 -12.32
CA LEU A 278 -13.28 23.98 -13.44
C LEU A 278 -12.56 23.55 -14.71
N GLN A 279 -13.31 23.15 -15.72
CA GLN A 279 -12.73 22.64 -16.95
C GLN A 279 -13.65 22.90 -18.12
N ALA A 280 -13.07 23.22 -19.29
CA ALA A 280 -13.85 23.41 -20.51
C ALA A 280 -13.21 22.62 -21.64
N ASN A 281 -14.02 22.27 -22.66
CA ASN A 281 -13.53 21.58 -23.88
C ASN A 281 -13.32 22.70 -24.89
N VAL A 282 -12.07 22.94 -25.26
CA VAL A 282 -11.70 24.10 -26.10
C VAL A 282 -10.97 23.65 -27.39
N PRO A 283 -11.30 24.22 -28.57
CA PRO A 283 -10.66 23.72 -29.79
C PRO A 283 -9.26 24.22 -30.08
N LEU A 284 -8.47 23.38 -30.75
CA LEU A 284 -7.18 23.78 -31.30
C LEU A 284 -7.55 24.55 -32.57
N GLN A 285 -6.91 25.69 -32.77
CA GLN A 285 -7.21 26.55 -33.91
C GLN A 285 -6.04 26.59 -34.87
N PRO A 286 -6.24 27.01 -36.13
CA PRO A 286 -5.08 27.18 -37.01
C PRO A 286 -4.19 28.31 -36.43
N ARG A 287 -2.87 28.22 -36.59
CA ARG A 287 -1.96 29.27 -36.11
C ARG A 287 -2.30 30.67 -36.64
N SER A 288 -2.87 30.77 -37.86
CA SER A 288 -3.31 32.03 -38.47
C SER A 288 -4.28 32.84 -37.61
N ALA A 289 -5.12 32.15 -36.81
CA ALA A 289 -6.07 32.81 -35.93
C ALA A 289 -5.31 33.66 -34.90
N CYS A 290 -4.19 33.14 -34.36
CA CYS A 290 -3.35 33.85 -33.39
C CYS A 290 -2.45 34.84 -34.10
N SER A 291 -1.88 34.48 -35.26
CA SER A 291 -1.02 35.42 -35.99
C SER A 291 -1.78 36.70 -36.41
N GLN A 292 -3.06 36.57 -36.82
CA GLN A 292 -3.92 37.72 -37.13
C GLN A 292 -4.31 38.50 -35.89
N ALA A 293 -4.72 37.82 -34.81
CA ALA A 293 -5.15 38.48 -33.57
C ALA A 293 -4.03 39.20 -32.85
N TYR A 294 -2.80 38.65 -32.87
CA TYR A 294 -1.64 39.23 -32.18
C TYR A 294 -0.73 40.05 -33.07
N ARG A 295 -0.95 40.03 -34.41
CA ARG A 295 -0.17 40.74 -35.42
C ARG A 295 1.34 40.38 -35.32
N ARG A 296 1.61 39.07 -35.18
CA ARG A 296 2.98 38.55 -35.07
C ARG A 296 3.01 37.14 -35.60
N ALA A 297 4.15 36.68 -36.12
CA ALA A 297 4.30 35.30 -36.58
C ALA A 297 4.13 34.33 -35.40
N VAL A 298 3.54 33.18 -35.67
CA VAL A 298 3.31 32.13 -34.66
C VAL A 298 4.13 30.93 -35.08
N PRO A 299 5.24 30.63 -34.37
CA PRO A 299 6.08 29.50 -34.80
C PRO A 299 5.52 28.15 -34.39
N LEU A 300 6.15 27.06 -34.86
CA LEU A 300 5.71 25.70 -34.52
C LEU A 300 5.83 25.43 -33.02
N SER A 301 6.74 26.18 -32.32
CA SER A 301 6.91 26.04 -30.87
C SER A 301 5.66 26.55 -30.07
N GLN A 302 4.65 27.10 -30.80
CA GLN A 302 3.41 27.57 -30.18
C GLN A 302 2.19 26.93 -30.79
N LEU A 303 1.13 26.81 -29.98
CA LEU A 303 -0.18 26.30 -30.39
C LEU A 303 -1.19 27.43 -30.22
N CYS A 304 -2.21 27.45 -31.09
CA CYS A 304 -3.25 28.48 -31.05
C CYS A 304 -4.54 27.80 -30.59
N VAL A 305 -5.13 28.29 -29.48
CA VAL A 305 -6.24 27.62 -28.84
C VAL A 305 -7.43 28.51 -28.52
N GLY A 306 -8.64 28.01 -28.79
CA GLY A 306 -9.86 28.69 -28.38
C GLY A 306 -10.13 30.07 -28.94
N GLY A 307 -10.65 30.92 -28.09
CA GLY A 307 -11.04 32.29 -28.44
C GLY A 307 -12.46 32.35 -28.96
N GLY A 308 -13.01 33.56 -28.99
CA GLY A 308 -14.36 33.79 -29.47
C GLY A 308 -15.46 33.24 -28.57
N ASP A 309 -15.16 33.05 -27.27
CA ASP A 309 -16.13 32.54 -26.32
C ASP A 309 -16.10 33.43 -25.08
N LEU A 310 -17.04 33.22 -24.15
CA LEU A 310 -17.14 34.03 -22.93
C LEU A 310 -16.71 33.29 -21.67
N GLN A 311 -16.78 31.95 -21.69
CA GLN A 311 -16.59 31.18 -20.47
C GLN A 311 -15.74 29.94 -20.60
N ASP A 312 -15.19 29.64 -21.78
CA ASP A 312 -14.50 28.38 -21.98
C ASP A 312 -12.99 28.52 -21.93
N SER A 313 -12.42 29.31 -22.86
CA SER A 313 -10.97 29.51 -22.96
C SER A 313 -10.37 30.07 -21.66
N CYS A 314 -11.15 30.89 -20.91
CA CYS A 314 -10.79 31.57 -19.66
C CYS A 314 -10.67 30.63 -18.44
N LYS A 315 -11.06 29.34 -18.56
CA LYS A 315 -11.04 28.46 -17.39
C LYS A 315 -9.63 28.10 -16.89
N GLY A 316 -8.66 28.20 -17.80
CA GLY A 316 -7.26 27.85 -17.53
C GLY A 316 -6.53 28.81 -16.62
N ASP A 317 -5.42 28.35 -16.05
CA ASP A 317 -4.60 29.22 -15.20
C ASP A 317 -3.44 29.74 -16.03
N SER A 318 -2.95 30.94 -15.71
CA SER A 318 -1.77 31.49 -16.37
C SER A 318 -0.61 30.48 -16.08
N GLY A 319 0.08 30.00 -17.11
CA GLY A 319 1.13 28.98 -16.92
C GLY A 319 0.61 27.56 -16.72
N GLY A 320 -0.71 27.40 -16.72
CA GLY A 320 -1.36 26.10 -16.55
C GLY A 320 -1.29 25.17 -17.75
N PRO A 321 -1.66 23.90 -17.56
CA PRO A 321 -1.58 22.93 -18.68
C PRO A 321 -2.71 23.06 -19.68
N LEU A 322 -2.45 22.56 -20.89
CA LEU A 322 -3.39 22.27 -21.97
C LEU A 322 -3.27 20.73 -22.03
N GLN A 323 -4.34 20.04 -21.74
CA GLN A 323 -4.24 18.59 -21.58
C GLN A 323 -5.27 17.82 -22.36
N ALA A 324 -4.92 16.57 -22.72
CA ALA A 324 -5.81 15.68 -23.44
C ALA A 324 -5.37 14.22 -23.23
N PRO A 325 -6.31 13.26 -23.25
CA PRO A 325 -5.91 11.85 -23.10
C PRO A 325 -5.22 11.35 -24.36
N ALA A 326 -4.29 10.41 -24.20
CA ALA A 326 -3.57 9.87 -25.33
C ALA A 326 -2.97 8.54 -24.96
N GLN A 327 -2.52 7.81 -25.98
CA GLN A 327 -1.84 6.51 -25.81
C GLN A 327 -0.43 6.82 -25.30
N TYR A 328 -0.14 6.42 -24.06
CA TYR A 328 1.16 6.69 -23.44
C TYR A 328 1.94 5.40 -23.35
N LEU A 329 3.01 5.31 -24.14
CA LEU A 329 3.88 4.13 -24.24
C LEU A 329 3.00 2.90 -24.53
N GLY A 330 3.10 1.85 -23.72
CA GLY A 330 2.30 0.64 -23.88
C GLY A 330 1.18 0.50 -22.86
N GLU A 331 0.82 1.61 -22.15
CA GLU A 331 -0.25 1.59 -21.15
C GLU A 331 -1.59 1.25 -21.80
N TYR A 332 -2.40 0.43 -21.11
CA TYR A 332 -3.70 -0.03 -21.60
C TYR A 332 -4.70 1.12 -21.68
N ALA A 333 -4.82 1.87 -20.60
CA ALA A 333 -5.77 2.97 -20.52
C ALA A 333 -5.15 4.25 -21.09
N PRO A 334 -5.95 5.09 -21.81
CA PRO A 334 -5.41 6.40 -22.24
C PRO A 334 -5.01 7.18 -21.00
N LYS A 335 -3.94 7.94 -21.10
CA LYS A 335 -3.39 8.76 -20.00
C LYS A 335 -3.44 10.22 -20.38
N MET A 336 -3.61 11.09 -19.38
CA MET A 336 -3.64 12.53 -19.65
C MET A 336 -2.22 13.01 -19.91
N VAL A 337 -2.04 13.75 -20.99
CA VAL A 337 -0.74 14.28 -21.40
C VAL A 337 -0.85 15.80 -21.45
N GLU A 338 0.21 16.51 -20.98
CA GLU A 338 0.24 17.97 -21.09
C GLU A 338 0.87 18.32 -22.43
N PHE A 339 0.04 18.80 -23.40
CA PHE A 339 0.53 19.17 -24.74
C PHE A 339 0.87 20.61 -24.86
N GLY A 340 0.32 21.44 -23.99
CA GLY A 340 0.57 22.87 -24.05
C GLY A 340 0.64 23.55 -22.70
N ILE A 341 1.17 24.77 -22.68
CA ILE A 341 1.28 25.62 -21.48
C ILE A 341 0.64 26.97 -21.79
N VAL A 342 -0.27 27.45 -20.94
CA VAL A 342 -0.89 28.78 -21.14
C VAL A 342 0.17 29.85 -21.17
N SER A 343 0.32 30.51 -22.32
CA SER A 343 1.36 31.54 -22.47
C SER A 343 0.77 32.95 -22.53
N GLN A 344 -0.13 33.21 -23.48
CA GLN A 344 -0.73 34.54 -23.64
C GLN A 344 -2.19 34.45 -24.08
N GLY A 345 -2.94 35.53 -23.87
CA GLY A 345 -4.31 35.64 -24.36
C GLY A 345 -5.39 34.93 -23.62
N VAL A 346 -5.06 34.29 -22.48
CA VAL A 346 -6.09 33.64 -21.67
C VAL A 346 -6.47 34.73 -20.67
N VAL A 347 -7.72 35.24 -20.79
CA VAL A 347 -8.23 36.37 -20.00
C VAL A 347 -9.37 35.99 -19.06
N THR A 348 -9.95 36.98 -18.35
CA THR A 348 -11.04 36.72 -17.39
C THR A 348 -12.32 36.38 -18.10
N CYS A 349 -13.14 35.51 -17.48
CA CYS A 349 -14.42 35.06 -18.02
C CYS A 349 -15.43 36.20 -18.06
N GLY A 350 -16.39 36.11 -18.97
CA GLY A 350 -17.45 37.11 -19.08
C GLY A 350 -17.27 38.10 -20.21
N GLN A 351 -16.05 38.15 -20.78
CA GLN A 351 -15.72 39.00 -21.90
C GLN A 351 -15.35 38.07 -23.07
N ILE A 352 -15.57 38.54 -24.31
CA ILE A 352 -15.19 37.74 -25.46
C ILE A 352 -13.64 37.63 -25.49
N SER A 353 -13.13 36.40 -25.58
CA SER A 353 -11.68 36.17 -25.61
C SER A 353 -11.17 36.15 -27.04
N LEU A 354 -9.89 36.36 -27.19
CA LEU A 354 -9.18 36.23 -28.45
C LEU A 354 -8.61 34.80 -28.40
N PRO A 355 -8.17 34.21 -29.54
CA PRO A 355 -7.50 32.90 -29.48
C PRO A 355 -6.26 33.04 -28.58
N GLY A 356 -5.96 31.99 -27.82
CA GLY A 356 -4.83 31.99 -26.88
C GLY A 356 -3.60 31.31 -27.42
N LEU A 357 -2.40 31.82 -27.04
CA LEU A 357 -1.15 31.24 -27.43
C LEU A 357 -0.68 30.32 -26.32
N TYR A 358 -0.33 29.10 -26.69
CA TYR A 358 0.17 28.12 -25.74
C TYR A 358 1.55 27.66 -26.17
N THR A 359 2.42 27.31 -25.22
CA THR A 359 3.71 26.73 -25.56
C THR A 359 3.47 25.29 -26.01
N ASN A 360 4.06 24.87 -27.14
CA ASN A 360 3.90 23.51 -27.66
C ASN A 360 4.90 22.65 -26.91
N VAL A 361 4.45 21.95 -25.87
CA VAL A 361 5.31 21.17 -24.95
C VAL A 361 6.23 20.16 -25.67
N GLY A 362 5.74 19.51 -26.71
CA GLY A 362 6.51 18.52 -27.48
C GLY A 362 7.84 19.06 -27.95
N GLU A 363 7.90 20.34 -28.34
CA GLU A 363 9.14 20.98 -28.78
C GLU A 363 10.15 21.21 -27.64
N TYR A 364 9.73 21.03 -26.38
CA TYR A 364 10.59 21.31 -25.23
C TYR A 364 10.83 20.12 -24.34
N VAL A 365 10.34 18.91 -24.70
CA VAL A 365 10.56 17.71 -23.86
C VAL A 365 12.06 17.46 -23.72
N GLN A 366 12.86 17.70 -24.81
CA GLN A 366 14.31 17.54 -24.72
C GLN A 366 14.87 18.43 -23.60
N TRP A 367 14.52 19.73 -23.65
CA TRP A 367 14.96 20.71 -22.65
C TRP A 367 14.48 20.26 -21.25
N ILE A 368 13.24 19.80 -21.15
CA ILE A 368 12.69 19.35 -19.85
C ILE A 368 13.59 18.23 -19.27
N THR A 369 13.86 17.19 -20.07
CA THR A 369 14.65 16.06 -19.60
C THR A 369 16.08 16.45 -19.22
N ASP A 370 16.72 17.32 -20.01
CA ASP A 370 18.08 17.76 -19.69
C ASP A 370 18.14 18.65 -18.46
N THR A 371 17.13 19.51 -18.29
CA THR A 371 17.06 20.42 -17.13
C THR A 371 16.82 19.62 -15.85
N MET A 372 15.89 18.66 -15.89
CA MET A 372 15.62 17.81 -14.72
C MET A 372 16.84 16.95 -14.38
N ALA A 373 17.54 16.46 -15.42
CA ALA A 373 18.72 15.61 -15.20
C ALA A 373 19.87 16.36 -14.52
N SER A 374 20.19 17.57 -15.00
CA SER A 374 21.31 18.32 -14.42
C SER A 374 21.00 18.85 -13.05
N ASN A 375 19.71 19.13 -12.79
CA ASN A 375 19.28 19.67 -11.52
C ASN A 375 18.97 18.61 -10.49
N GLY A 376 18.86 17.36 -10.94
CA GLY A 376 18.61 16.18 -10.12
C GLY A 376 17.14 15.88 -9.95
N LEU A 377 16.77 14.58 -9.99
CA LEU A 377 15.37 14.19 -9.78
C LEU A 377 15.00 14.29 -8.30
N LEU A 378 15.98 14.04 -7.41
CA LEU A 378 15.75 14.11 -5.97
C LEU A 378 16.55 15.26 -5.41
N GLU A 379 17.48 15.02 -4.46
CA GLU A 379 18.30 16.13 -3.96
C GLU A 379 19.20 16.67 -5.08
N SER A 380 19.53 17.95 -4.98
CA SER A 380 20.44 18.59 -5.92
C SER A 380 21.87 18.13 -5.65
N ASP B 27 16.46 -14.55 11.09
CA ASP B 27 15.36 -14.72 12.07
C ASP B 27 14.61 -16.01 11.80
N TYR B 28 13.82 -16.47 12.80
CA TYR B 28 12.98 -17.66 12.66
C TYR B 28 12.16 -17.55 11.37
N ALA B 29 12.17 -18.63 10.59
CA ALA B 29 11.41 -18.79 9.34
C ALA B 29 11.83 -17.91 8.15
N ASP B 30 12.96 -17.19 8.25
CA ASP B 30 13.49 -16.39 7.15
C ASP B 30 13.84 -17.29 5.98
N ASP B 31 13.69 -16.78 4.75
CA ASP B 31 14.08 -17.50 3.54
C ASP B 31 15.58 -17.71 3.57
N CYS B 32 16.04 -18.87 3.08
CA CYS B 32 17.47 -19.19 3.09
C CYS B 32 17.80 -20.17 1.98
N THR B 33 19.09 -20.42 1.78
CA THR B 33 19.54 -21.43 0.82
C THR B 33 20.35 -22.44 1.59
N THR B 34 20.05 -23.73 1.43
CA THR B 34 20.78 -24.79 2.13
C THR B 34 22.23 -24.86 1.59
N PRO B 35 23.19 -25.47 2.33
CA PRO B 35 24.57 -25.59 1.79
C PRO B 35 24.65 -26.28 0.43
N ASP B 36 23.67 -27.19 0.15
CA ASP B 36 23.53 -27.91 -1.12
C ASP B 36 22.56 -27.26 -2.14
N GLY B 37 22.27 -25.99 -1.92
CA GLY B 37 21.53 -25.15 -2.87
C GLY B 37 20.02 -25.24 -3.00
N ASP B 38 19.33 -25.79 -1.99
CA ASP B 38 17.87 -25.84 -2.04
C ASP B 38 17.31 -24.62 -1.35
N GLN B 39 16.21 -24.07 -1.91
CA GLN B 39 15.56 -22.94 -1.25
C GLN B 39 14.75 -23.46 -0.06
N GLY B 40 14.77 -22.72 1.03
CA GLY B 40 14.04 -23.13 2.21
C GLY B 40 13.83 -22.02 3.22
N GLN B 41 13.62 -22.43 4.47
CA GLN B 41 13.41 -21.49 5.57
C GLN B 41 14.19 -21.91 6.79
N CYS B 42 14.55 -20.93 7.61
CA CYS B 42 15.32 -21.09 8.83
C CYS B 42 14.40 -21.68 9.91
N MET B 43 14.53 -22.99 10.15
CA MET B 43 13.63 -23.71 11.06
C MET B 43 14.35 -24.50 12.19
N PRO B 44 13.67 -24.79 13.32
CA PRO B 44 14.30 -25.68 14.32
C PRO B 44 14.44 -27.07 13.69
N PHE B 45 15.37 -27.91 14.20
CA PHE B 45 15.55 -29.24 13.60
C PHE B 45 14.28 -30.07 13.64
N SER B 46 13.46 -29.92 14.72
CA SER B 46 12.21 -30.67 14.91
C SER B 46 11.14 -30.32 13.87
N SER B 47 11.36 -29.24 13.11
CA SER B 47 10.46 -28.80 12.04
C SER B 47 11.08 -29.05 10.67
N CYS B 48 12.08 -29.93 10.61
CA CYS B 48 12.68 -30.27 9.33
C CYS B 48 12.74 -31.78 9.23
N ARG B 49 11.86 -32.36 8.41
CA ARG B 49 11.78 -33.81 8.31
C ARG B 49 13.15 -34.48 8.06
N THR B 50 13.92 -33.97 7.09
CA THR B 50 15.21 -34.55 6.71
C THR B 50 16.29 -34.49 7.79
N ILE B 51 16.42 -33.34 8.48
CA ILE B 51 17.39 -33.20 9.58
C ILE B 51 16.99 -34.11 10.74
N GLU B 52 15.70 -34.03 11.13
CA GLU B 52 15.22 -34.88 12.21
C GLU B 52 15.44 -36.39 11.91
N GLU B 53 15.16 -36.85 10.67
CA GLU B 53 15.40 -38.26 10.29
C GLU B 53 16.87 -38.63 10.51
N ARG B 54 17.81 -37.81 10.00
CA ARG B 54 19.24 -38.11 10.15
C ARG B 54 19.68 -38.18 11.61
N LEU B 55 19.23 -37.22 12.42
CA LEU B 55 19.56 -37.19 13.85
C LEU B 55 18.97 -38.37 14.59
N THR B 56 17.70 -38.73 14.28
CA THR B 56 17.01 -39.86 14.90
C THR B 56 17.63 -41.19 14.52
N GLU B 57 17.96 -41.35 13.24
CA GLU B 57 18.55 -42.59 12.76
C GLU B 57 19.89 -42.88 13.42
N ALA B 58 20.73 -41.85 13.58
CA ALA B 58 22.03 -42.03 14.26
C ALA B 58 21.77 -42.36 15.73
N GLN B 59 20.90 -41.59 16.42
CA GLN B 59 20.57 -41.88 17.83
C GLN B 59 20.06 -43.32 18.02
N LYS B 60 19.14 -43.79 17.15
CA LYS B 60 18.57 -45.14 17.23
C LYS B 60 19.64 -46.23 17.10
N ALA B 61 20.69 -45.96 16.30
CA ALA B 61 21.80 -46.90 16.10
C ALA B 61 22.85 -46.80 17.24
N GLY B 62 22.60 -45.91 18.21
CA GLY B 62 23.53 -45.64 19.32
C GLY B 62 24.82 -45.00 18.87
N GLN B 63 24.73 -44.11 17.86
CA GLN B 63 25.88 -43.42 17.29
C GLN B 63 25.57 -41.92 17.08
N LYS B 64 26.61 -41.12 16.79
CA LYS B 64 26.49 -39.71 16.42
C LYS B 64 26.34 -39.73 14.91
N VAL B 65 25.86 -38.61 14.30
CA VAL B 65 25.80 -38.46 12.84
C VAL B 65 27.23 -38.44 12.31
N PRO B 66 27.49 -38.81 11.04
CA PRO B 66 28.87 -38.74 10.54
C PRO B 66 29.41 -37.32 10.56
N ALA B 67 30.75 -37.21 10.60
CA ALA B 67 31.47 -35.95 10.61
C ALA B 67 31.07 -35.03 9.45
N ASP B 68 30.92 -35.59 8.23
CA ASP B 68 30.54 -34.78 7.07
C ASP B 68 29.12 -34.20 7.21
N TYR B 69 28.21 -34.95 7.86
CA TYR B 69 26.85 -34.45 8.11
C TYR B 69 26.86 -33.39 9.20
N ALA B 70 27.68 -33.58 10.27
CA ALA B 70 27.84 -32.61 11.34
C ALA B 70 28.37 -31.30 10.71
N SER B 71 29.30 -31.41 9.74
CA SER B 71 29.83 -30.26 9.01
C SER B 71 28.75 -29.57 8.15
N TYR B 72 27.87 -30.35 7.49
CA TYR B 72 26.75 -29.84 6.71
C TYR B 72 25.80 -29.04 7.63
N LEU B 73 25.48 -29.57 8.84
CA LEU B 73 24.58 -28.88 9.77
C LEU B 73 25.18 -27.56 10.25
N GLN B 74 26.52 -27.52 10.44
CA GLN B 74 27.20 -26.29 10.84
C GLN B 74 27.04 -25.24 9.72
N LYS B 75 27.14 -25.68 8.45
CA LYS B 75 26.96 -24.78 7.30
C LYS B 75 25.49 -24.33 7.18
N ALA B 76 24.55 -25.24 7.50
CA ALA B 76 23.11 -25.02 7.42
C ALA B 76 22.57 -24.13 8.54
N LEU B 77 23.32 -24.03 9.66
CA LEU B 77 22.96 -23.26 10.85
C LEU B 77 22.63 -21.82 10.46
N CYS B 78 21.44 -21.33 10.83
CA CYS B 78 21.06 -19.97 10.48
C CYS B 78 20.76 -19.07 11.68
N GLY B 79 21.15 -19.53 12.86
CA GLY B 79 21.02 -18.78 14.09
C GLY B 79 20.41 -19.54 15.25
N GLU B 80 20.34 -18.88 16.40
CA GLU B 80 19.75 -19.42 17.62
C GLU B 80 18.68 -18.42 18.06
N PHE B 81 17.41 -18.84 18.03
CA PHE B 81 16.27 -17.99 18.38
C PHE B 81 15.52 -18.62 19.53
N ASN B 82 15.33 -17.84 20.63
CA ASN B 82 14.67 -18.27 21.86
C ASN B 82 15.29 -19.58 22.39
N GLY B 83 16.63 -19.63 22.33
CA GLY B 83 17.44 -20.74 22.80
C GLY B 83 17.43 -21.99 21.93
N VAL B 84 16.85 -21.93 20.73
CA VAL B 84 16.75 -23.09 19.85
C VAL B 84 17.60 -22.86 18.58
N ARG B 85 18.47 -23.82 18.23
CA ARG B 85 19.30 -23.74 17.02
C ARG B 85 18.37 -23.95 15.83
N HIS B 86 18.54 -23.13 14.81
CA HIS B 86 17.74 -23.19 13.59
C HIS B 86 18.66 -23.49 12.42
N PHE B 87 18.13 -24.27 11.47
CA PHE B 87 18.89 -24.69 10.29
C PHE B 87 18.10 -24.41 9.04
N CYS B 88 18.79 -24.16 7.92
CA CYS B 88 18.05 -23.97 6.68
C CYS B 88 17.46 -25.30 6.24
N CYS B 89 16.12 -25.37 6.13
CA CYS B 89 15.41 -26.57 5.74
C CYS B 89 14.79 -26.38 4.38
N PRO B 90 14.97 -27.35 3.42
CA PRO B 90 14.31 -27.23 2.13
C PRO B 90 12.79 -27.09 2.30
N SER B 91 12.17 -26.16 1.55
CA SER B 91 10.74 -25.87 1.67
C SER B 91 9.81 -27.09 1.79
N ALA B 92 9.98 -28.10 0.91
CA ALA B 92 9.13 -29.32 0.92
C ALA B 92 9.35 -30.24 2.12
N ASN B 93 10.45 -30.01 2.88
CA ASN B 93 10.82 -30.82 4.04
C ASN B 93 10.37 -30.20 5.38
N ILE B 94 9.87 -28.97 5.36
CA ILE B 94 9.39 -28.29 6.56
C ILE B 94 8.17 -29.04 7.09
N GLN B 95 8.15 -29.31 8.40
CA GLN B 95 7.03 -30.02 9.00
C GLN B 95 6.64 -29.30 10.30
N HIS B 96 5.40 -29.49 10.78
CA HIS B 96 5.02 -28.90 12.06
C HIS B 96 5.96 -29.47 13.15
N ASN B 97 6.32 -28.65 14.14
CA ASN B 97 7.29 -29.05 15.17
C ASN B 97 6.94 -30.37 15.83
N SER B 98 7.79 -31.44 15.63
CA SER B 98 7.48 -32.77 16.15
C SER B 98 7.30 -32.79 17.69
N LYS B 99 7.93 -31.86 18.42
CA LYS B 99 7.87 -31.75 19.89
C LYS B 99 6.45 -31.37 20.36
N VAL B 100 5.68 -30.71 19.50
CA VAL B 100 4.31 -30.30 19.79
C VAL B 100 3.32 -31.22 19.06
N MET B 101 3.68 -31.70 17.85
CA MET B 101 2.79 -32.63 17.13
C MET B 101 2.63 -33.93 17.91
N SER B 102 3.64 -34.30 18.72
CA SER B 102 3.53 -35.52 19.53
C SER B 102 2.39 -35.39 20.56
N LEU B 103 2.12 -34.17 21.02
CA LEU B 103 0.99 -33.91 21.90
C LEU B 103 -0.33 -33.93 21.10
N PHE B 104 -0.43 -33.11 20.04
CA PHE B 104 -1.64 -32.98 19.22
C PHE B 104 -2.10 -34.29 18.60
N LYS B 105 -1.14 -35.20 18.28
CA LYS B 105 -1.45 -36.51 17.68
C LYS B 105 -1.58 -37.63 18.72
N ASP B 106 -1.36 -37.31 20.01
CA ASP B 106 -1.47 -38.34 21.05
C ASP B 106 -2.91 -38.85 21.08
N GLU B 107 -3.09 -40.20 21.08
CA GLU B 107 -4.46 -40.76 21.09
C GLU B 107 -5.27 -40.32 22.32
N ASN B 108 -4.59 -39.91 23.39
CA ASN B 108 -5.22 -39.48 24.64
C ASN B 108 -5.38 -37.95 24.75
N PHE B 109 -4.96 -37.20 23.70
CA PHE B 109 -5.11 -35.73 23.71
C PHE B 109 -6.57 -35.44 23.33
N ASP B 110 -7.39 -35.15 24.32
CA ASP B 110 -8.84 -34.97 24.12
C ASP B 110 -9.24 -33.56 23.64
N CYS B 111 -8.92 -33.21 22.38
CA CYS B 111 -9.27 -31.88 21.85
C CYS B 111 -10.59 -31.92 21.05
N GLY B 112 -11.29 -30.78 21.06
CA GLY B 112 -12.49 -30.54 20.28
C GLY B 112 -13.65 -31.49 20.49
N ASN B 113 -13.71 -32.13 21.65
CA ASN B 113 -14.78 -33.08 21.96
C ASN B 113 -16.11 -32.36 22.16
N PHE B 114 -17.15 -32.76 21.43
CA PHE B 114 -18.51 -32.20 21.60
C PHE B 114 -19.59 -33.14 21.02
N LEU B 115 -20.79 -33.06 21.60
CA LEU B 115 -21.98 -33.79 21.15
C LEU B 115 -22.93 -32.74 20.55
N SER B 116 -23.57 -33.07 19.40
CA SER B 116 -24.54 -32.19 18.75
C SER B 116 -25.70 -31.89 19.74
N GLN B 117 -25.80 -30.61 20.18
CA GLN B 117 -26.79 -30.10 21.15
C GLN B 117 -28.23 -30.16 20.61
N ARG B 118 -29.23 -29.93 21.49
CA ARG B 118 -30.65 -29.86 21.08
C ARG B 118 -30.82 -28.52 20.35
N VAL B 119 -31.37 -28.58 19.12
CA VAL B 119 -31.55 -27.39 18.26
C VAL B 119 -32.66 -26.43 18.71
N SER B 120 -32.28 -25.21 19.08
CA SER B 120 -33.19 -24.11 19.42
C SER B 120 -32.93 -23.05 18.34
N ASN B 121 -33.92 -22.21 18.04
CA ASN B 121 -33.72 -21.20 16.99
C ASN B 121 -32.72 -20.09 17.33
N GLY B 122 -32.69 -19.70 18.60
CA GLY B 122 -31.84 -18.65 19.13
C GLY B 122 -30.36 -18.98 19.21
N TYR B 123 -29.69 -18.31 20.13
CA TYR B 123 -28.23 -18.40 20.23
C TYR B 123 -27.73 -19.15 21.47
N GLU B 124 -28.61 -19.87 22.17
CA GLU B 124 -28.21 -20.57 23.41
C GLU B 124 -27.19 -21.63 23.21
N VAL B 125 -26.30 -21.75 24.20
CA VAL B 125 -25.23 -22.75 24.21
C VAL B 125 -25.45 -23.61 25.46
N LYS B 126 -25.40 -24.94 25.31
CA LYS B 126 -25.52 -25.87 26.43
C LYS B 126 -24.34 -25.68 27.36
N LEU B 127 -24.61 -25.63 28.66
CA LEU B 127 -23.60 -25.49 29.71
C LEU B 127 -22.41 -26.44 29.49
N SER B 128 -21.17 -25.86 29.46
CA SER B 128 -19.90 -26.58 29.29
C SER B 128 -19.70 -27.20 27.91
N SER B 129 -20.57 -26.90 26.92
CA SER B 129 -20.43 -27.53 25.58
C SER B 129 -19.31 -26.96 24.67
N ARG B 130 -18.67 -25.83 25.06
CA ARG B 130 -17.54 -25.23 24.29
C ARG B 130 -16.43 -25.02 25.32
N PRO B 131 -15.87 -26.13 25.86
CA PRO B 131 -15.00 -26.02 27.03
C PRO B 131 -13.64 -25.38 26.82
N TRP B 132 -13.30 -25.01 25.57
CA TRP B 132 -12.04 -24.34 25.23
C TRP B 132 -12.15 -22.83 25.35
N MET B 133 -13.38 -22.29 25.45
CA MET B 133 -13.57 -20.82 25.41
C MET B 133 -12.84 -20.14 26.55
N ALA B 134 -12.11 -19.07 26.25
CA ALA B 134 -11.31 -18.39 27.26
C ALA B 134 -11.66 -16.92 27.31
N LEU B 135 -11.63 -16.33 28.51
CA LEU B 135 -11.87 -14.88 28.68
C LEU B 135 -10.57 -14.25 29.19
N LEU B 136 -10.13 -13.16 28.53
CA LEU B 136 -8.86 -12.48 28.84
C LEU B 136 -9.15 -11.26 29.71
N ARG B 137 -8.54 -11.20 30.91
CA ARG B 137 -8.78 -10.17 31.90
C ARG B 137 -7.66 -9.13 31.95
N TYR B 138 -8.05 -7.86 31.94
CA TYR B 138 -7.14 -6.73 31.93
C TYR B 138 -7.33 -5.80 33.09
N GLN B 139 -6.21 -5.27 33.59
CA GLN B 139 -6.18 -4.17 34.56
C GLN B 139 -6.62 -2.99 33.70
N GLN B 140 -7.59 -2.22 34.18
CA GLN B 140 -8.09 -1.10 33.38
C GLN B 140 -8.75 -0.12 34.30
N PHE B 141 -8.28 1.14 34.29
CA PHE B 141 -8.85 2.24 35.09
C PHE B 141 -8.98 1.93 36.60
N GLY B 142 -7.97 1.27 37.17
CA GLY B 142 -7.99 0.89 38.59
C GLY B 142 -8.82 -0.34 38.93
N GLU B 143 -9.59 -0.87 37.96
CA GLU B 143 -10.46 -2.04 38.12
C GLU B 143 -10.01 -3.12 37.09
N SER B 144 -10.81 -4.18 36.89
CA SER B 144 -10.41 -5.19 35.91
C SER B 144 -11.62 -5.64 35.12
N ARG B 145 -11.42 -5.92 33.80
CA ARG B 145 -12.53 -6.32 32.94
C ARG B 145 -12.05 -7.33 31.92
N PHE B 146 -12.96 -8.17 31.43
CA PHE B 146 -12.64 -9.05 30.31
C PHE B 146 -12.79 -8.23 29.05
N LEU B 147 -11.73 -8.12 28.23
CA LEU B 147 -11.76 -7.29 27.01
C LEU B 147 -11.31 -8.03 25.76
N CYS B 148 -11.20 -9.36 25.85
CA CYS B 148 -10.87 -10.20 24.69
C CYS B 148 -11.25 -11.61 25.05
N GLY B 149 -11.30 -12.47 24.03
CA GLY B 149 -11.51 -13.90 24.19
C GLY B 149 -10.31 -14.64 23.64
N GLY B 150 -10.45 -15.95 23.51
CA GLY B 150 -9.42 -16.81 22.96
C GLY B 150 -9.84 -18.24 23.17
N ALA B 151 -8.94 -19.19 22.89
CA ALA B 151 -9.31 -20.59 23.10
C ALA B 151 -8.15 -21.40 23.64
N MET B 152 -8.44 -22.32 24.55
CA MET B 152 -7.41 -23.23 25.07
C MET B 152 -7.00 -24.21 23.96
N ILE B 153 -5.68 -24.38 23.75
CA ILE B 153 -5.14 -25.32 22.75
C ILE B 153 -4.30 -26.40 23.40
N SER B 154 -3.95 -26.22 24.69
CA SER B 154 -3.22 -27.22 25.46
C SER B 154 -3.34 -26.84 26.93
N GLU B 155 -2.81 -27.66 27.83
CA GLU B 155 -2.93 -27.41 29.27
C GLU B 155 -2.22 -26.12 29.70
N ARG B 156 -1.29 -25.59 28.86
CA ARG B 156 -0.59 -24.34 29.18
C ARG B 156 -0.69 -23.24 28.10
N TYR B 157 -1.48 -23.43 27.03
CA TYR B 157 -1.54 -22.40 26.00
C TYR B 157 -2.94 -21.99 25.61
N ILE B 158 -3.11 -20.67 25.43
CA ILE B 158 -4.34 -20.04 24.93
C ILE B 158 -3.97 -19.36 23.60
N LEU B 159 -4.82 -19.57 22.57
CA LEU B 159 -4.64 -18.94 21.27
C LEU B 159 -5.60 -17.75 21.19
N THR B 160 -5.07 -16.59 20.79
CA THR B 160 -5.84 -15.34 20.70
C THR B 160 -5.29 -14.46 19.55
N ALA B 161 -5.76 -13.19 19.50
CA ALA B 161 -5.26 -12.27 18.47
C ALA B 161 -4.15 -11.43 19.08
N ALA B 162 -3.17 -11.04 18.24
CA ALA B 162 -2.09 -10.17 18.69
C ALA B 162 -2.63 -8.80 19.15
N HIS B 163 -3.76 -8.36 18.58
CA HIS B 163 -4.37 -7.06 18.95
C HIS B 163 -4.91 -7.07 20.41
N CYS B 164 -5.07 -8.28 21.00
CA CYS B 164 -5.47 -8.44 22.40
C CYS B 164 -4.25 -8.34 23.33
N VAL B 165 -3.04 -8.38 22.78
CA VAL B 165 -1.78 -8.52 23.53
C VAL B 165 -0.82 -7.37 23.33
N HIS B 166 -0.61 -6.96 22.05
CA HIS B 166 0.31 -5.88 21.70
C HIS B 166 0.02 -4.57 22.51
N GLY B 167 1.03 -4.10 23.25
CA GLY B 167 0.95 -2.92 24.12
C GLY B 167 0.07 -3.10 25.36
N LEU B 168 -0.30 -4.35 25.70
CA LEU B 168 -1.22 -4.67 26.80
C LEU B 168 -0.67 -5.75 27.74
N GLN B 169 0.58 -6.19 27.53
CA GLN B 169 1.20 -7.31 28.27
C GLN B 169 1.09 -7.18 29.80
N ASN B 170 1.43 -6.00 30.35
CA ASN B 170 1.33 -5.80 31.79
C ASN B 170 -0.12 -5.77 32.28
N ASP B 171 -1.07 -5.30 31.43
CA ASP B 171 -2.49 -5.23 31.80
C ASP B 171 -3.15 -6.60 31.71
N LEU B 172 -2.73 -7.39 30.72
CA LEU B 172 -3.35 -8.70 30.46
C LEU B 172 -2.76 -9.65 31.47
N TYR B 173 -3.47 -9.81 32.60
CA TYR B 173 -2.93 -10.53 33.74
C TYR B 173 -3.59 -11.86 34.09
N GLU B 174 -4.81 -12.13 33.64
CA GLU B 174 -5.46 -13.40 33.98
C GLU B 174 -6.25 -13.92 32.81
N ILE B 175 -6.47 -15.24 32.80
CA ILE B 175 -7.35 -15.94 31.86
C ILE B 175 -8.41 -16.68 32.70
N ARG B 176 -9.65 -16.66 32.28
CA ARG B 176 -10.70 -17.44 32.93
C ARG B 176 -11.16 -18.57 31.99
N LEU B 177 -11.10 -19.79 32.49
CA LEU B 177 -11.48 -21.00 31.77
C LEU B 177 -12.65 -21.67 32.48
N GLY B 178 -13.50 -22.35 31.71
CA GLY B 178 -14.66 -23.06 32.23
C GLY B 178 -15.89 -22.20 32.50
N GLU B 179 -15.92 -21.00 31.92
CA GLU B 179 -17.02 -20.07 32.14
C GLU B 179 -18.28 -20.39 31.34
N HIS B 180 -19.43 -19.95 31.85
CA HIS B 180 -20.70 -20.03 31.14
C HIS B 180 -21.44 -18.71 31.34
N ARG B 181 -21.83 -18.41 32.59
CA ARG B 181 -22.49 -17.13 32.93
C ARG B 181 -21.54 -16.37 33.84
N ILE B 182 -21.08 -15.22 33.36
CA ILE B 182 -20.04 -14.45 34.06
C ILE B 182 -20.45 -14.02 35.46
N SER B 183 -21.67 -13.52 35.61
CA SER B 183 -22.17 -12.95 36.86
C SER B 183 -22.35 -13.92 38.04
N THR B 184 -22.49 -15.22 37.77
CA THR B 184 -22.72 -16.24 38.81
C THR B 184 -21.51 -17.12 39.04
N GLU B 185 -21.15 -17.34 40.31
CA GLU B 185 -20.03 -18.22 40.66
C GLU B 185 -20.40 -19.68 40.41
N GLU B 186 -21.70 -20.01 40.47
CA GLU B 186 -22.24 -21.35 40.22
C GLU B 186 -23.08 -21.33 38.94
N ASP B 187 -22.73 -22.18 37.98
CA ASP B 187 -23.44 -22.24 36.70
C ASP B 187 -24.06 -23.61 36.60
N CYS B 188 -25.39 -23.66 36.67
CA CYS B 188 -26.12 -24.93 36.74
C CYS B 188 -27.17 -25.08 35.67
N ARG B 189 -27.65 -26.29 35.52
CA ARG B 189 -28.75 -26.66 34.61
C ARG B 189 -29.61 -27.67 35.38
N GLN B 190 -30.86 -27.78 34.99
CA GLN B 190 -31.78 -28.72 35.62
C GLN B 190 -31.39 -30.16 35.27
N GLN B 191 -31.35 -31.04 36.28
CA GLN B 191 -31.11 -32.49 36.17
C GLN B 191 -32.22 -33.16 36.99
N GLY B 192 -33.26 -33.58 36.29
CA GLY B 192 -34.45 -34.19 36.90
C GLY B 192 -35.21 -33.14 37.68
N ARG B 193 -35.38 -33.36 38.99
CA ARG B 193 -36.04 -32.48 39.95
C ARG B 193 -34.99 -31.73 40.76
N LYS B 194 -33.71 -31.84 40.34
CA LYS B 194 -32.60 -31.19 41.02
C LYS B 194 -31.76 -30.42 39.97
N LYS B 195 -30.59 -29.97 40.35
CA LYS B 195 -29.73 -29.28 39.40
C LYS B 195 -28.29 -29.78 39.45
N LYS B 196 -27.64 -29.81 38.27
CA LYS B 196 -26.24 -30.18 38.13
C LYS B 196 -25.47 -28.96 37.68
N CYS B 197 -24.44 -28.64 38.44
CA CYS B 197 -23.60 -27.47 38.21
C CYS B 197 -22.28 -27.88 37.62
N ALA B 198 -21.71 -26.98 36.82
CA ALA B 198 -20.38 -27.23 36.29
C ALA B 198 -19.42 -27.03 37.47
N PRO B 199 -18.20 -27.56 37.40
CA PRO B 199 -17.22 -27.26 38.47
C PRO B 199 -16.87 -25.77 38.44
N PRO B 200 -16.22 -25.24 39.48
CA PRO B 200 -15.86 -23.81 39.46
C PRO B 200 -14.96 -23.46 38.28
N VAL B 201 -15.01 -22.18 37.89
CA VAL B 201 -14.14 -21.70 36.84
C VAL B 201 -12.69 -21.74 37.34
N VAL B 202 -11.74 -21.68 36.40
CA VAL B 202 -10.30 -21.57 36.75
C VAL B 202 -9.85 -20.17 36.31
N ASN B 203 -9.21 -19.44 37.24
CA ASN B 203 -8.63 -18.12 36.97
C ASN B 203 -7.13 -18.35 37.11
N VAL B 204 -6.40 -18.17 36.00
CA VAL B 204 -4.97 -18.49 35.90
C VAL B 204 -4.17 -17.31 35.35
N GLY B 205 -2.89 -17.22 35.75
CA GLY B 205 -2.00 -16.15 35.32
C GLY B 205 -1.31 -16.47 34.00
N ILE B 206 -0.54 -15.50 33.49
CA ILE B 206 0.14 -15.63 32.21
C ILE B 206 1.64 -15.48 32.41
N GLU B 207 2.39 -16.52 32.04
CA GLU B 207 3.83 -16.49 32.14
C GLU B 207 4.46 -15.78 30.94
N LYS B 208 3.93 -16.03 29.72
CA LYS B 208 4.47 -15.40 28.51
C LYS B 208 3.39 -14.89 27.61
N HIS B 209 3.61 -13.71 27.03
CA HIS B 209 2.73 -13.06 26.06
C HIS B 209 3.52 -13.19 24.76
N LEU B 210 3.08 -14.09 23.89
CA LEU B 210 3.83 -14.43 22.69
C LEU B 210 3.15 -13.94 21.42
N ILE B 211 3.51 -12.72 21.00
CA ILE B 211 2.95 -12.11 19.80
C ILE B 211 3.73 -12.56 18.55
N HIS B 212 3.01 -12.84 17.44
CA HIS B 212 3.63 -13.18 16.17
C HIS B 212 4.69 -12.09 15.82
N GLU B 213 5.90 -12.52 15.43
CA GLU B 213 7.04 -11.61 15.12
C GLU B 213 6.72 -10.61 14.02
N LYS B 214 5.80 -10.97 13.10
CA LYS B 214 5.42 -10.12 11.96
C LYS B 214 4.14 -9.33 12.16
N TYR B 215 3.58 -9.36 13.38
CA TYR B 215 2.34 -8.62 13.66
C TYR B 215 2.56 -7.16 13.30
N ASP B 216 1.63 -6.63 12.53
CA ASP B 216 1.67 -5.26 12.04
C ASP B 216 0.48 -4.56 12.68
N ALA B 217 0.76 -3.77 13.71
CA ALA B 217 -0.20 -3.03 14.53
C ALA B 217 -0.94 -1.92 13.77
N ARG B 218 -0.39 -1.49 12.62
CA ARG B 218 -0.97 -0.44 11.76
C ARG B 218 -2.01 -1.04 10.81
N HIS B 219 -1.60 -2.07 10.04
CA HIS B 219 -2.47 -2.73 9.07
C HIS B 219 -3.27 -3.93 9.64
N ILE B 220 -3.06 -4.29 10.91
CA ILE B 220 -3.68 -5.46 11.56
C ILE B 220 -3.48 -6.72 10.69
N MET B 221 -2.20 -7.05 10.44
CA MET B 221 -1.80 -8.21 9.65
C MET B 221 -1.06 -9.16 10.56
N HIS B 222 -1.15 -10.47 10.30
CA HIS B 222 -0.52 -11.51 11.16
C HIS B 222 -1.03 -11.34 12.61
N ASP B 223 -2.35 -11.20 12.73
CA ASP B 223 -3.01 -10.91 14.00
C ASP B 223 -3.23 -12.18 14.80
N ILE B 224 -2.17 -12.64 15.46
CA ILE B 224 -2.19 -13.89 16.23
C ILE B 224 -1.20 -13.81 17.37
N ALA B 225 -1.57 -14.42 18.50
CA ALA B 225 -0.68 -14.46 19.64
C ALA B 225 -1.01 -15.69 20.47
N LEU B 226 -0.02 -16.17 21.20
CA LEU B 226 -0.19 -17.24 22.18
C LEU B 226 0.03 -16.67 23.57
N LEU B 227 -0.76 -17.13 24.53
CA LEU B 227 -0.57 -16.79 25.93
C LEU B 227 -0.20 -18.09 26.64
N LYS B 228 0.99 -18.13 27.24
CA LYS B 228 1.43 -19.29 27.98
C LYS B 228 1.01 -19.07 29.41
N LEU B 229 0.23 -20.00 29.94
CA LEU B 229 -0.30 -19.97 31.29
C LEU B 229 0.83 -20.18 32.28
N ASN B 230 0.68 -19.64 33.49
CA ASN B 230 1.76 -19.73 34.48
C ASN B 230 1.79 -21.01 35.30
N ARG B 231 0.95 -22.00 34.93
CA ARG B 231 0.91 -23.34 35.50
C ARG B 231 0.09 -24.19 34.53
N SER B 232 0.08 -25.50 34.70
CA SER B 232 -0.78 -26.32 33.84
C SER B 232 -2.19 -26.23 34.37
N VAL B 233 -3.16 -26.15 33.46
CA VAL B 233 -4.57 -26.22 33.84
C VAL B 233 -5.00 -27.59 33.31
N PRO B 234 -5.12 -28.61 34.20
CA PRO B 234 -5.49 -29.95 33.73
C PRO B 234 -6.91 -29.98 33.17
N PHE B 235 -7.11 -30.79 32.13
CA PHE B 235 -8.42 -30.93 31.50
C PHE B 235 -9.46 -31.47 32.48
N GLN B 236 -10.64 -30.87 32.43
CA GLN B 236 -11.74 -31.19 33.34
C GLN B 236 -13.00 -31.32 32.51
N LYS B 237 -14.13 -31.70 33.11
CA LYS B 237 -15.34 -31.84 32.29
C LYS B 237 -15.74 -30.55 31.55
N HIS B 238 -15.38 -29.38 32.10
CA HIS B 238 -15.77 -28.09 31.50
C HIS B 238 -14.58 -27.27 30.95
N ILE B 239 -13.37 -27.84 30.96
CA ILE B 239 -12.17 -27.15 30.47
C ILE B 239 -11.39 -28.13 29.63
N LYS B 240 -11.35 -27.92 28.30
CA LYS B 240 -10.66 -28.86 27.41
C LYS B 240 -10.16 -28.06 26.23
N PRO B 241 -9.12 -28.50 25.52
CA PRO B 241 -8.67 -27.74 24.37
C PRO B 241 -9.51 -27.97 23.12
N ILE B 242 -9.46 -26.99 22.23
CA ILE B 242 -10.01 -27.10 20.88
C ILE B 242 -8.89 -27.69 20.01
N CYS B 243 -9.24 -28.36 18.88
CA CYS B 243 -8.23 -28.92 17.98
C CYS B 243 -7.78 -27.83 17.05
N LEU B 244 -6.63 -28.03 16.42
CA LEU B 244 -6.09 -27.07 15.45
C LEU B 244 -6.03 -27.73 14.05
N PRO B 245 -6.02 -26.94 12.94
CA PRO B 245 -5.99 -27.57 11.61
C PRO B 245 -4.57 -28.03 11.26
N ILE B 246 -4.15 -29.11 11.91
CA ILE B 246 -2.77 -29.60 11.88
C ILE B 246 -2.38 -30.40 10.63
N THR B 247 -3.36 -30.73 9.76
CA THR B 247 -3.08 -31.50 8.54
C THR B 247 -3.36 -30.65 7.33
N ASP B 248 -2.87 -31.09 6.16
CA ASP B 248 -3.16 -30.40 4.89
C ASP B 248 -4.65 -30.38 4.62
N GLU B 249 -5.35 -31.51 4.91
CA GLU B 249 -6.81 -31.69 4.70
C GLU B 249 -7.58 -30.65 5.50
N LEU B 250 -7.17 -30.45 6.77
CA LEU B 250 -7.85 -29.46 7.63
C LEU B 250 -7.58 -28.03 7.19
N LYS B 251 -6.32 -27.73 6.76
CA LYS B 251 -6.02 -26.36 6.28
C LYS B 251 -6.84 -26.02 5.05
N GLU B 252 -6.99 -27.00 4.15
CA GLU B 252 -7.77 -26.87 2.92
C GLU B 252 -9.27 -26.77 3.24
N LYS B 253 -9.71 -27.42 4.34
CA LYS B 253 -11.12 -27.40 4.74
C LYS B 253 -11.63 -26.00 5.11
N ALA B 254 -10.75 -25.11 5.65
CA ALA B 254 -11.11 -23.75 6.09
C ALA B 254 -11.94 -23.01 5.04
N GLU B 255 -11.51 -23.09 3.78
CA GLU B 255 -12.23 -22.38 2.72
C GLU B 255 -13.37 -23.13 2.07
N GLN B 256 -13.55 -24.40 2.44
CA GLN B 256 -14.61 -25.26 1.92
C GLN B 256 -15.83 -25.28 2.85
N ILE B 257 -15.66 -24.80 4.10
CA ILE B 257 -16.75 -24.76 5.09
C ILE B 257 -17.68 -23.59 4.76
N SER B 258 -19.00 -23.85 4.65
CA SER B 258 -19.92 -22.74 4.32
C SER B 258 -20.35 -21.93 5.53
N THR B 259 -20.55 -22.60 6.66
CA THR B 259 -21.06 -22.00 7.88
C THR B 259 -20.18 -22.36 9.06
N TYR B 260 -19.82 -21.35 9.86
CA TYR B 260 -19.02 -21.56 11.07
C TYR B 260 -19.81 -21.21 12.33
N PHE B 261 -19.34 -21.71 13.47
CA PHE B 261 -19.88 -21.29 14.76
C PHE B 261 -19.07 -20.07 15.19
N VAL B 262 -19.75 -18.98 15.51
CA VAL B 262 -19.20 -17.76 16.08
C VAL B 262 -19.78 -17.79 17.49
N THR B 263 -18.92 -18.03 18.45
CA THR B 263 -19.27 -18.31 19.85
C THR B 263 -18.52 -17.39 20.78
N GLY B 264 -19.19 -17.00 21.87
CA GLY B 264 -18.56 -16.15 22.85
C GLY B 264 -19.54 -15.32 23.65
N TRP B 265 -19.04 -14.26 24.27
CA TRP B 265 -19.82 -13.37 25.13
C TRP B 265 -19.91 -11.97 24.48
N GLY B 266 -19.55 -11.87 23.21
CA GLY B 266 -19.58 -10.58 22.50
C GLY B 266 -18.59 -9.62 23.12
N THR B 267 -17.43 -10.17 23.53
CA THR B 267 -16.39 -9.41 24.21
C THR B 267 -15.57 -8.56 23.22
N THR B 268 -15.98 -7.31 23.03
CA THR B 268 -15.22 -6.41 22.16
C THR B 268 -14.21 -5.71 23.08
N GLU B 269 -13.46 -4.74 22.52
CA GLU B 269 -12.56 -3.87 23.29
C GLU B 269 -13.33 -3.08 24.36
N ASN B 270 -14.67 -3.01 24.27
CA ASN B 270 -15.49 -2.29 25.25
C ASN B 270 -16.11 -3.21 26.31
N GLY B 271 -15.84 -4.50 26.23
CA GLY B 271 -16.38 -5.46 27.17
C GLY B 271 -17.41 -6.39 26.56
N SER B 272 -17.91 -7.33 27.36
CA SER B 272 -18.87 -8.34 26.90
C SER B 272 -20.27 -7.78 26.84
N SER B 273 -20.97 -8.01 25.74
CA SER B 273 -22.38 -7.59 25.59
C SER B 273 -23.31 -8.66 26.13
N SER B 274 -22.78 -9.88 26.43
CA SER B 274 -23.61 -10.94 26.98
C SER B 274 -23.00 -11.46 28.27
N ASP B 275 -23.82 -11.64 29.30
CA ASP B 275 -23.40 -12.26 30.56
C ASP B 275 -23.23 -13.79 30.38
N VAL B 276 -23.89 -14.36 29.36
CA VAL B 276 -23.93 -15.80 29.10
C VAL B 276 -23.33 -16.17 27.72
N LEU B 277 -22.67 -17.32 27.65
CA LEU B 277 -22.05 -17.83 26.44
C LEU B 277 -23.16 -18.04 25.38
N LEU B 278 -22.93 -17.52 24.16
CA LEU B 278 -23.89 -17.63 23.04
C LEU B 278 -23.16 -18.05 21.78
N GLN B 279 -23.92 -18.44 20.76
CA GLN B 279 -23.33 -18.94 19.52
C GLN B 279 -24.25 -18.68 18.36
N ALA B 280 -23.67 -18.34 17.20
CA ALA B 280 -24.45 -18.13 15.97
C ALA B 280 -23.81 -18.91 14.84
N ASN B 281 -24.61 -19.25 13.82
CA ASN B 281 -24.13 -19.93 12.60
C ASN B 281 -23.93 -18.81 11.60
N VAL B 282 -22.66 -18.57 11.22
CA VAL B 282 -22.31 -17.41 10.38
C VAL B 282 -21.58 -17.85 9.11
N PRO B 283 -21.91 -17.29 7.91
CA PRO B 283 -21.26 -17.76 6.70
C PRO B 283 -19.85 -17.26 6.44
N LEU B 284 -19.06 -18.11 5.77
CA LEU B 284 -17.77 -17.71 5.23
C LEU B 284 -18.15 -16.94 3.96
N GLN B 285 -17.51 -15.80 3.75
CA GLN B 285 -17.81 -14.97 2.60
C GLN B 285 -16.62 -14.94 1.66
N PRO B 286 -16.81 -14.53 0.39
CA PRO B 286 -15.61 -14.41 -0.48
C PRO B 286 -14.74 -13.28 0.08
N ARG B 287 -13.41 -13.36 -0.08
CA ARG B 287 -12.51 -12.30 0.39
C ARG B 287 -12.85 -10.90 -0.17
N SER B 288 -13.40 -10.85 -1.39
CA SER B 288 -13.84 -9.58 -2.03
C SER B 288 -14.83 -8.77 -1.20
N ALA B 289 -15.68 -9.45 -0.39
CA ALA B 289 -16.64 -8.77 0.47
C ALA B 289 -15.91 -7.89 1.49
N CYS B 290 -14.78 -8.41 2.06
CA CYS B 290 -13.96 -7.68 3.02
C CYS B 290 -13.08 -6.67 2.30
N SER B 291 -12.48 -7.06 1.15
CA SER B 291 -11.62 -6.13 0.41
C SER B 291 -12.40 -4.85 -0.03
N GLN B 292 -13.66 -5.01 -0.45
CA GLN B 292 -14.52 -3.87 -0.80
C GLN B 292 -14.95 -3.07 0.40
N ALA B 293 -15.37 -3.74 1.50
CA ALA B 293 -15.82 -3.07 2.73
C ALA B 293 -14.70 -2.32 3.45
N TYR B 294 -13.47 -2.86 3.46
CA TYR B 294 -12.33 -2.24 4.15
C TYR B 294 -11.40 -1.43 3.23
N ARG B 295 -11.63 -1.48 1.90
CA ARG B 295 -10.81 -0.81 0.86
C ARG B 295 -9.32 -1.16 0.99
N ARG B 296 -9.03 -2.44 1.22
CA ARG B 296 -7.66 -2.93 1.38
C ARG B 296 -7.61 -4.37 0.86
N ALA B 297 -6.45 -4.81 0.35
CA ALA B 297 -6.33 -6.19 -0.11
C ALA B 297 -6.45 -7.15 1.08
N VAL B 298 -7.04 -8.31 0.82
CA VAL B 298 -7.27 -9.35 1.83
C VAL B 298 -6.43 -10.55 1.43
N PRO B 299 -5.32 -10.82 2.15
CA PRO B 299 -4.46 -11.96 1.76
C PRO B 299 -5.04 -13.31 2.17
N LEU B 300 -4.40 -14.40 1.71
CA LEU B 300 -4.84 -15.75 2.05
C LEU B 300 -4.71 -16.01 3.57
N SER B 301 -3.83 -15.25 4.26
CA SER B 301 -3.66 -15.39 5.73
C SER B 301 -4.92 -14.88 6.50
N GLN B 302 -5.92 -14.33 5.77
CA GLN B 302 -7.17 -13.86 6.38
C GLN B 302 -8.38 -14.53 5.76
N LEU B 303 -9.45 -14.66 6.57
CA LEU B 303 -10.75 -15.18 6.15
C LEU B 303 -11.76 -14.05 6.30
N CYS B 304 -12.78 -14.04 5.43
CA CYS B 304 -13.83 -13.02 5.46
C CYS B 304 -15.12 -13.68 5.92
N VAL B 305 -15.72 -13.18 7.02
CA VAL B 305 -16.84 -13.86 7.66
C VAL B 305 -18.03 -12.97 7.96
N GLY B 306 -19.24 -13.47 7.71
CA GLY B 306 -20.46 -12.78 8.13
C GLY B 306 -20.73 -11.42 7.56
N GLY B 307 -21.25 -10.54 8.41
CA GLY B 307 -21.65 -9.20 8.04
C GLY B 307 -23.08 -9.12 7.56
N GLY B 308 -23.62 -7.90 7.54
CA GLY B 308 -24.99 -7.62 7.12
C GLY B 308 -26.07 -8.16 8.05
N ASP B 309 -25.73 -8.36 9.34
CA ASP B 309 -26.69 -8.86 10.31
C ASP B 309 -26.62 -7.99 11.56
N LEU B 310 -27.53 -8.18 12.50
CA LEU B 310 -27.57 -7.38 13.73
C LEU B 310 -27.13 -8.18 14.97
N GLN B 311 -27.27 -9.51 14.93
CA GLN B 311 -27.09 -10.32 16.13
C GLN B 311 -26.27 -11.58 15.96
N ASP B 312 -25.75 -11.86 14.77
CA ASP B 312 -25.08 -13.14 14.55
C ASP B 312 -23.57 -13.02 14.56
N SER B 313 -23.01 -12.20 13.65
CA SER B 313 -21.55 -12.01 13.52
C SER B 313 -20.96 -11.46 14.81
N CYS B 314 -21.76 -10.68 15.58
CA CYS B 314 -21.30 -10.04 16.81
C CYS B 314 -21.15 -10.99 18.01
N LYS B 315 -21.61 -12.25 17.91
CA LYS B 315 -21.59 -13.14 19.08
C LYS B 315 -20.19 -13.52 19.60
N GLY B 316 -19.20 -13.54 18.72
CA GLY B 316 -17.83 -13.90 19.09
C GLY B 316 -17.13 -12.87 19.95
N ASP B 317 -15.97 -13.24 20.49
CA ASP B 317 -15.16 -12.36 21.33
C ASP B 317 -13.96 -11.84 20.50
N SER B 318 -13.52 -10.62 20.75
CA SER B 318 -12.32 -10.09 20.06
C SER B 318 -11.14 -11.05 20.41
N GLY B 319 -10.48 -11.60 19.39
CA GLY B 319 -9.41 -12.59 19.64
C GLY B 319 -9.91 -14.01 19.83
N GLY B 320 -11.23 -14.16 19.82
CA GLY B 320 -11.90 -15.45 19.99
C GLY B 320 -11.85 -16.37 18.77
N PRO B 321 -12.24 -17.62 18.97
CA PRO B 321 -12.18 -18.60 17.86
C PRO B 321 -13.31 -18.45 16.85
N LEU B 322 -13.04 -18.95 15.64
CA LEU B 322 -13.99 -19.23 14.55
C LEU B 322 -13.87 -20.76 14.49
N GLN B 323 -14.96 -21.47 14.79
CA GLN B 323 -14.84 -22.91 14.94
C GLN B 323 -15.87 -23.71 14.15
N ALA B 324 -15.51 -24.93 13.80
CA ALA B 324 -16.39 -25.83 13.07
C ALA B 324 -15.94 -27.29 13.29
N PRO B 325 -16.89 -28.25 13.28
CA PRO B 325 -16.50 -29.66 13.42
C PRO B 325 -15.81 -30.15 12.16
N ALA B 326 -14.88 -31.10 12.33
CA ALA B 326 -14.15 -31.64 11.19
C ALA B 326 -13.56 -32.97 11.56
N GLN B 327 -13.09 -33.69 10.54
CA GLN B 327 -12.42 -34.97 10.70
C GLN B 327 -11.01 -34.67 11.22
N TYR B 328 -10.72 -35.05 12.48
CA TYR B 328 -9.42 -34.79 13.10
C TYR B 328 -8.64 -36.07 13.18
N LEU B 329 -7.56 -36.17 12.38
CA LEU B 329 -6.70 -37.36 12.29
C LEU B 329 -7.58 -38.58 12.02
N GLY B 330 -7.48 -39.63 12.84
CA GLY B 330 -8.28 -40.84 12.69
C GLY B 330 -9.39 -40.99 13.69
N GLU B 331 -9.77 -39.87 14.39
CA GLU B 331 -10.85 -39.90 15.39
C GLU B 331 -12.19 -40.23 14.72
N TYR B 332 -13.01 -41.07 15.36
CA TYR B 332 -14.29 -41.50 14.80
C TYR B 332 -15.29 -40.33 14.70
N ALA B 333 -15.53 -39.67 15.82
CA ALA B 333 -16.50 -38.59 15.92
C ALA B 333 -15.85 -37.27 15.41
N PRO B 334 -16.62 -36.39 14.72
CA PRO B 334 -16.05 -35.09 14.28
C PRO B 334 -15.62 -34.32 15.53
N LYS B 335 -14.54 -33.56 15.40
CA LYS B 335 -13.98 -32.75 16.52
C LYS B 335 -14.02 -31.29 16.13
N MET B 336 -14.21 -30.42 17.13
CA MET B 336 -14.22 -28.98 16.87
C MET B 336 -12.81 -28.51 16.62
N VAL B 337 -12.62 -27.76 15.53
CA VAL B 337 -11.32 -27.22 15.13
C VAL B 337 -11.44 -25.69 15.08
N GLU B 338 -10.39 -24.98 15.55
CA GLU B 338 -10.36 -23.51 15.45
C GLU B 338 -9.71 -23.16 14.11
N PHE B 339 -10.53 -22.68 13.15
CA PHE B 339 -10.05 -22.33 11.82
C PHE B 339 -9.71 -20.87 11.68
N GLY B 340 -10.26 -20.03 12.55
CA GLY B 340 -10.02 -18.60 12.48
C GLY B 340 -9.96 -17.93 13.84
N ILE B 341 -9.41 -16.72 13.86
CA ILE B 341 -9.32 -15.88 15.07
C ILE B 341 -9.97 -14.53 14.74
N VAL B 342 -10.91 -14.07 15.60
CA VAL B 342 -11.56 -12.73 15.41
C VAL B 342 -10.49 -11.66 15.39
N SER B 343 -10.31 -10.98 14.22
CA SER B 343 -9.26 -9.95 14.08
C SER B 343 -9.85 -8.53 14.02
N GLN B 344 -10.76 -8.27 13.05
CA GLN B 344 -11.34 -6.94 12.85
C GLN B 344 -12.78 -7.02 12.37
N GLY B 345 -13.53 -5.94 12.58
CA GLY B 345 -14.90 -5.81 12.08
C GLY B 345 -15.99 -6.54 12.81
N VAL B 346 -15.66 -7.18 13.95
CA VAL B 346 -16.67 -7.84 14.77
C VAL B 346 -17.00 -6.77 15.79
N VAL B 347 -18.22 -6.21 15.67
CA VAL B 347 -18.64 -5.05 16.45
C VAL B 347 -19.73 -5.34 17.46
N THR B 348 -20.16 -4.31 18.18
CA THR B 348 -21.20 -4.46 19.22
C THR B 348 -22.50 -5.02 18.62
N CYS B 349 -23.14 -5.95 19.35
CA CYS B 349 -24.41 -6.53 18.92
C CYS B 349 -25.47 -5.45 18.86
N GLY B 350 -26.36 -5.55 17.85
CA GLY B 350 -27.48 -4.63 17.72
C GLY B 350 -27.37 -3.63 16.59
N GLN B 351 -26.18 -3.47 16.03
CA GLN B 351 -25.94 -2.56 14.91
C GLN B 351 -25.65 -3.42 13.70
N ILE B 352 -25.91 -2.90 12.48
CA ILE B 352 -25.60 -3.69 11.28
C ILE B 352 -24.08 -3.82 11.17
N SER B 353 -23.62 -5.05 11.01
CA SER B 353 -22.19 -5.36 10.90
C SER B 353 -21.78 -5.36 9.44
N LEU B 354 -20.49 -5.12 9.21
CA LEU B 354 -19.81 -5.26 7.94
C LEU B 354 -19.22 -6.69 8.00
N PRO B 355 -18.77 -7.28 6.87
CA PRO B 355 -18.10 -8.60 6.95
C PRO B 355 -16.86 -8.43 7.85
N GLY B 356 -16.53 -9.45 8.63
CA GLY B 356 -15.41 -9.38 9.56
C GLY B 356 -14.20 -10.10 9.01
N LEU B 357 -13.01 -9.66 9.46
CA LEU B 357 -11.75 -10.25 9.08
C LEU B 357 -11.28 -11.16 10.20
N TYR B 358 -10.92 -12.38 9.85
CA TYR B 358 -10.42 -13.36 10.80
C TYR B 358 -9.03 -13.81 10.38
N THR B 359 -8.17 -14.14 11.34
CA THR B 359 -6.86 -14.73 11.01
C THR B 359 -7.11 -16.18 10.55
N ASN B 360 -6.51 -16.58 9.41
CA ASN B 360 -6.67 -17.95 8.90
C ASN B 360 -5.66 -18.80 9.65
N VAL B 361 -6.13 -19.52 10.67
CA VAL B 361 -5.27 -20.30 11.59
C VAL B 361 -4.34 -21.32 10.88
N GLY B 362 -4.83 -21.96 9.84
CA GLY B 362 -4.06 -22.94 9.06
C GLY B 362 -2.72 -22.40 8.59
N GLU B 363 -2.67 -21.11 8.21
CA GLU B 363 -1.43 -20.46 7.77
C GLU B 363 -0.42 -20.23 8.91
N TYR B 364 -0.83 -20.42 10.17
CA TYR B 364 0.01 -20.14 11.33
C TYR B 364 0.26 -21.35 12.20
N VAL B 365 -0.24 -22.54 11.79
CA VAL B 365 0.00 -23.75 12.63
C VAL B 365 1.51 -23.99 12.79
N GLN B 366 2.29 -23.76 11.71
CA GLN B 366 3.74 -23.94 11.80
C GLN B 366 4.29 -23.04 12.94
N TRP B 367 3.95 -21.73 12.90
CA TRP B 367 4.39 -20.77 13.90
C TRP B 367 3.90 -21.21 15.30
N ILE B 368 2.64 -21.67 15.43
CA ILE B 368 2.14 -22.10 16.74
C ILE B 368 3.03 -23.22 17.28
N THR B 369 3.28 -24.27 16.48
CA THR B 369 4.07 -25.42 16.94
C THR B 369 5.50 -25.03 17.31
N ASP B 370 6.15 -24.15 16.53
CA ASP B 370 7.51 -23.72 16.84
C ASP B 370 7.57 -22.83 18.08
N THR B 371 6.56 -21.96 18.25
CA THR B 371 6.51 -21.05 19.40
C THR B 371 6.26 -21.85 20.70
N MET B 372 5.34 -22.82 20.65
CA MET B 372 5.06 -23.67 21.82
C MET B 372 6.28 -24.53 22.16
N ALA B 373 6.98 -25.03 21.13
CA ALA B 373 8.15 -25.86 21.33
C ALA B 373 9.31 -25.12 22.02
N SER B 374 9.63 -23.91 21.54
CA SER B 374 10.75 -23.17 22.10
C SER B 374 10.43 -22.62 23.48
N ASN B 375 9.14 -22.33 23.73
CA ASN B 375 8.71 -21.79 25.01
C ASN B 375 8.40 -22.86 26.04
N GLY B 376 8.31 -24.11 25.60
CA GLY B 376 8.06 -25.29 26.42
C GLY B 376 6.58 -25.59 26.59
N LEU B 377 6.21 -26.89 26.54
CA LEU B 377 4.80 -27.29 26.75
C LEU B 377 4.43 -27.17 28.23
N LEU B 378 5.40 -27.41 29.12
CA LEU B 378 5.17 -27.35 30.56
C LEU B 378 5.97 -26.20 31.12
N GLU B 379 6.90 -26.41 32.07
CA GLU B 379 7.72 -25.32 32.58
C GLU B 379 8.60 -24.78 31.46
N SER B 380 8.95 -23.49 31.58
CA SER B 380 9.85 -22.86 30.63
C SER B 380 11.29 -23.30 30.89
#